data_7FAL
#
_entry.id   7FAL
#
_cell.length_a   76.011
_cell.length_b   86.333
_cell.length_c   104.462
_cell.angle_alpha   90.000
_cell.angle_beta   102.330
_cell.angle_gamma   90.000
#
_symmetry.space_group_name_H-M   'P 1 21 1'
#
loop_
_entity.id
_entity.type
_entity.pdbx_description
1 polymer 'Prolyl-tRNA synthetase (ProRS)'
2 non-polymer 4-[(3R)-3-cyano-3-(1-methylcyclopropyl)-2-oxidanylidene-pyrrolidin-1-yl]-N-[[3-fluoranyl-5-(1-methylpyrazol-4-yl)phenyl]methyl]-6-methyl-pyridine-2-carboxamide
3 non-polymer PROLINE
4 water water
#
_entity_poly.entity_id   1
_entity_poly.type   'polypeptide(L)'
_entity_poly.pdbx_seq_one_letter_code
;GAMVTAKKDENFSEWYTQAIVRSEMIEYYDISGCYIMRPWAFHIWEKVQRFFDDEIKKMGVENSYFPMFVSRHKLEKEKD
HVEGFSPEVAWVTHYGDSPLPEKIAIRPTSETIMYPAYAKWIRSHRDLPLKLNQWCSVVRWEFKQPTPFLRTREFLWQEG
HTAHATEEEAWELVLDILELYRRWYEECLAVPVIKGEKSEGEKFAGGKKTTTVEAFIPENGRGIQAATSHLLGTNFAKMF
EIEFEDEEGHKRLVHQTSWGCTTRSLGVMIMTHGDDKGLVIPPRVASVQVVIIPILFKDENTGEILGKCRELKTMLEKAD
IRVRIDDRSNYTPGWKYNHWEVKGVPLRLELGPKDLAKGTARVVRRDTGEAYQISWADLAPKLLELMEGIQRSLFEKAKA
RLHEGIEKISTFDEVMPALNRKHLVLAPWCEDPESEEQIKKETQKLSEIQAIEAGDSEQVMTGAMKTLCIPFDQPPMPEG
TKCFYTGKPAKRWTLWGRSY
;
_entity_poly.pdbx_strand_id   A,B
#
loop_
_chem_comp.id
_chem_comp.type
_chem_comp.name
_chem_comp.formula
1T0 non-polymer 4-[(3R)-3-cyano-3-(1-methylcyclopropyl)-2-oxidanylidene-pyrrolidin-1-yl]-N-[[3-fluoranyl-5-(1-methylpyrazol-4-yl)phenyl]methyl]-6-methyl-pyridine-2-carboxamide 'C27 H27 F N6 O2'
#
# COMPACT_ATOMS: atom_id res chain seq x y z
N GLY A 1 -30.28 -13.41 0.04
CA GLY A 1 -30.86 -12.87 -1.17
C GLY A 1 -30.69 -11.37 -1.29
N ALA A 2 -29.43 -10.93 -1.40
CA ALA A 2 -29.12 -9.51 -1.49
C ALA A 2 -29.30 -9.06 -2.94
N MET A 3 -30.42 -8.41 -3.22
CA MET A 3 -30.75 -7.87 -4.53
C MET A 3 -30.60 -6.35 -4.53
N VAL A 4 -31.14 -5.70 -5.56
CA VAL A 4 -31.16 -4.25 -5.64
C VAL A 4 -32.58 -3.85 -6.03
N THR A 5 -33.38 -3.45 -5.04
CA THR A 5 -34.76 -3.08 -5.32
C THR A 5 -34.86 -1.71 -5.99
N ALA A 6 -33.92 -0.81 -5.71
CA ALA A 6 -34.02 0.56 -6.19
C ALA A 6 -33.80 0.64 -7.70
N LYS A 7 -34.33 1.70 -8.30
CA LYS A 7 -34.15 1.99 -9.71
C LYS A 7 -33.08 3.06 -9.85
N LYS A 8 -32.12 2.81 -10.76
CA LYS A 8 -31.00 3.74 -10.90
C LYS A 8 -31.49 5.10 -11.39
N ASP A 9 -32.34 5.12 -12.40
CA ASP A 9 -32.80 6.36 -13.00
C ASP A 9 -33.97 7.01 -12.26
N GLU A 10 -34.34 6.50 -11.08
CA GLU A 10 -35.41 7.09 -10.30
C GLU A 10 -34.88 7.61 -8.96
N ASN A 11 -34.53 6.74 -8.03
CA ASN A 11 -33.92 7.13 -6.76
C ASN A 11 -32.45 6.75 -6.81
N PHE A 12 -31.67 7.57 -7.53
CA PHE A 12 -30.26 7.29 -7.74
C PHE A 12 -29.47 7.33 -6.44
N SER A 13 -29.82 8.26 -5.54
CA SER A 13 -29.16 8.34 -4.25
C SER A 13 -29.22 7.01 -3.51
N GLU A 14 -30.41 6.41 -3.45
CA GLU A 14 -30.59 5.13 -2.78
C GLU A 14 -29.98 3.99 -3.59
N TRP A 15 -30.07 4.07 -4.92
CA TRP A 15 -29.50 3.02 -5.76
C TRP A 15 -28.01 2.89 -5.51
N TYR A 16 -27.31 4.02 -5.37
CA TYR A 16 -25.86 3.96 -5.16
C TYR A 16 -25.53 3.25 -3.86
N THR A 17 -26.26 3.60 -2.79
CA THR A 17 -26.02 2.97 -1.50
C THR A 17 -26.32 1.48 -1.54
N GLN A 18 -27.43 1.09 -2.19
CA GLN A 18 -27.75 -0.33 -2.29
C GLN A 18 -26.72 -1.07 -3.11
N ALA A 19 -26.27 -0.49 -4.22
CA ALA A 19 -25.30 -1.16 -5.07
C ALA A 19 -23.97 -1.34 -4.37
N ILE A 20 -23.56 -0.36 -3.56
CA ILE A 20 -22.27 -0.50 -2.89
C ILE A 20 -22.34 -1.31 -1.60
N VAL A 21 -23.53 -1.45 -1.00
CA VAL A 21 -23.64 -2.17 0.26
C VAL A 21 -23.90 -3.65 0.04
N ARG A 22 -24.89 -3.99 -0.80
CA ARG A 22 -25.29 -5.38 -0.98
C ARG A 22 -24.37 -6.13 -1.93
N SER A 23 -23.33 -5.49 -2.46
CA SER A 23 -22.24 -6.17 -3.13
C SER A 23 -21.11 -6.53 -2.17
N GLU A 24 -21.24 -6.14 -0.90
CA GLU A 24 -20.19 -6.34 0.11
C GLU A 24 -18.90 -5.65 -0.30
N MET A 25 -19.01 -4.42 -0.82
CA MET A 25 -17.87 -3.59 -1.14
C MET A 25 -17.45 -2.71 0.04
N ILE A 26 -18.42 -2.05 0.68
CA ILE A 26 -18.13 -1.19 1.80
C ILE A 26 -18.81 -1.74 3.04
N GLU A 27 -18.35 -1.28 4.18
CA GLU A 27 -19.05 -1.49 5.44
C GLU A 27 -19.02 -0.19 6.23
N TYR A 28 -20.04 0.01 7.04
CA TYR A 28 -20.19 1.25 7.78
C TYR A 28 -19.44 1.20 9.10
N TYR A 29 -18.78 2.30 9.41
CA TYR A 29 -18.01 2.45 10.63
C TYR A 29 -18.72 3.44 11.54
N ASP A 30 -18.55 3.27 12.86
CA ASP A 30 -19.26 4.12 13.80
C ASP A 30 -18.83 5.58 13.71
N ILE A 31 -17.65 5.85 13.18
CA ILE A 31 -17.18 7.22 12.99
C ILE A 31 -17.61 7.69 11.61
N SER A 32 -18.31 8.82 11.55
CA SER A 32 -18.81 9.34 10.28
C SER A 32 -17.64 9.72 9.37
N GLY A 33 -17.88 9.64 8.07
CA GLY A 33 -16.87 9.95 7.08
C GLY A 33 -15.86 8.87 6.83
N CYS A 34 -15.81 7.84 7.68
CA CYS A 34 -14.88 6.73 7.51
C CYS A 34 -15.65 5.46 7.15
N TYR A 35 -15.14 4.74 6.16
CA TYR A 35 -15.80 3.54 5.64
C TYR A 35 -14.78 2.41 5.56
N ILE A 36 -15.28 1.18 5.71
CA ILE A 36 -14.45 -0.02 5.61
C ILE A 36 -14.48 -0.49 4.17
N MET A 37 -13.30 -0.59 3.56
CA MET A 37 -13.16 -1.05 2.19
C MET A 37 -12.98 -2.56 2.20
N ARG A 38 -14.07 -3.29 1.97
CA ARG A 38 -14.03 -4.75 1.95
C ARG A 38 -13.27 -5.25 0.72
N PRO A 39 -12.86 -6.53 0.71
CA PRO A 39 -11.97 -6.99 -0.36
C PRO A 39 -12.51 -6.80 -1.77
N TRP A 40 -13.83 -6.75 -1.96
CA TRP A 40 -14.37 -6.71 -3.32
C TRP A 40 -14.04 -5.39 -4.02
N ALA A 41 -13.90 -4.29 -3.26
CA ALA A 41 -13.45 -3.03 -3.84
C ALA A 41 -11.93 -2.87 -3.76
N PHE A 42 -11.31 -3.48 -2.75
CA PHE A 42 -9.87 -3.35 -2.60
C PHE A 42 -9.12 -4.12 -3.67
N HIS A 43 -9.68 -5.22 -4.17
CA HIS A 43 -9.02 -5.92 -5.26
C HIS A 43 -9.17 -5.19 -6.60
N ILE A 44 -9.97 -4.13 -6.64
CA ILE A 44 -9.98 -3.22 -7.78
C ILE A 44 -8.97 -2.10 -7.58
N TRP A 45 -8.94 -1.54 -6.37
CA TRP A 45 -7.90 -0.59 -6.01
C TRP A 45 -6.52 -1.19 -6.24
N GLU A 46 -6.35 -2.47 -5.93
CA GLU A 46 -5.08 -3.15 -6.14
C GLU A 46 -4.67 -3.11 -7.59
N LYS A 47 -5.61 -3.41 -8.50
CA LYS A 47 -5.27 -3.47 -9.92
C LYS A 47 -4.94 -2.09 -10.46
N VAL A 48 -5.79 -1.09 -10.17
CA VAL A 48 -5.49 0.25 -10.67
C VAL A 48 -4.17 0.76 -10.09
N GLN A 49 -3.85 0.35 -8.85
CA GLN A 49 -2.61 0.80 -8.23
C GLN A 49 -1.41 0.14 -8.87
N ARG A 50 -1.50 -1.15 -9.19
CA ARG A 50 -0.40 -1.82 -9.88
C ARG A 50 -0.19 -1.21 -11.27
N PHE A 51 -1.29 -0.90 -11.97
CA PHE A 51 -1.19 -0.26 -13.28
C PHE A 51 -0.43 1.06 -13.18
N PHE A 52 -0.96 1.99 -12.37
CA PHE A 52 -0.34 3.31 -12.26
C PHE A 52 1.09 3.21 -11.74
N ASP A 53 1.36 2.25 -10.86
CA ASP A 53 2.69 2.09 -10.31
C ASP A 53 3.68 1.66 -11.38
N ASP A 54 3.35 0.64 -12.16
CA ASP A 54 4.21 0.23 -13.27
C ASP A 54 4.45 1.40 -14.22
N GLU A 55 3.39 2.15 -14.54
CA GLU A 55 3.52 3.22 -15.53
C GLU A 55 4.40 4.36 -15.02
N ILE A 56 4.29 4.72 -13.74
CA ILE A 56 5.14 5.78 -13.22
C ILE A 56 6.55 5.28 -12.93
N LYS A 57 6.74 3.98 -12.71
CA LYS A 57 8.09 3.42 -12.67
C LYS A 57 8.77 3.54 -14.02
N LYS A 58 8.00 3.42 -15.12
CA LYS A 58 8.58 3.69 -16.44
C LYS A 58 9.14 5.11 -16.53
N MET A 59 8.53 6.06 -15.83
CA MET A 59 8.93 7.46 -15.90
C MET A 59 10.06 7.80 -14.94
N GLY A 60 10.63 6.82 -14.25
CA GLY A 60 11.68 7.06 -13.29
C GLY A 60 11.20 7.47 -11.92
N VAL A 61 9.90 7.48 -11.68
CA VAL A 61 9.35 7.84 -10.37
C VAL A 61 9.54 6.67 -9.42
N GLU A 62 10.14 6.93 -8.27
CA GLU A 62 10.38 5.89 -7.27
C GLU A 62 9.50 6.13 -6.05
N ASN A 63 9.01 5.04 -5.47
CA ASN A 63 8.07 5.09 -4.36
C ASN A 63 8.79 5.25 -3.02
N SER A 64 8.06 5.79 -2.04
CA SER A 64 8.62 6.05 -0.72
C SER A 64 7.47 6.14 0.27
N TYR A 65 7.80 6.47 1.51
CA TYR A 65 6.79 6.71 2.53
C TYR A 65 7.31 7.73 3.54
N PHE A 66 6.67 8.90 3.58
CA PHE A 66 6.90 9.99 4.53
C PHE A 66 5.95 9.88 5.71
N PRO A 67 6.34 10.39 6.88
CA PRO A 67 5.49 10.27 8.06
C PRO A 67 4.11 10.87 7.85
N MET A 68 3.17 10.40 8.68
CA MET A 68 1.78 10.84 8.59
C MET A 68 1.49 12.08 9.42
N PHE A 69 2.48 12.62 10.12
CA PHE A 69 2.29 13.80 10.95
C PHE A 69 3.12 14.96 10.41
N VAL A 70 2.66 16.16 10.73
CA VAL A 70 3.34 17.39 10.35
C VAL A 70 3.34 18.33 11.55
N SER A 71 4.43 19.10 11.69
CA SER A 71 4.53 20.07 12.77
C SER A 71 3.58 21.23 12.54
N ARG A 72 3.28 21.95 13.62
CA ARG A 72 2.38 23.09 13.51
C ARG A 72 3.00 24.21 12.67
N HIS A 73 4.24 24.59 13.00
CA HIS A 73 4.89 25.70 12.30
C HIS A 73 5.12 25.36 10.83
N LYS A 74 5.55 24.14 10.53
CA LYS A 74 5.82 23.76 9.15
C LYS A 74 4.53 23.60 8.34
N LEU A 75 3.40 23.34 8.99
CA LEU A 75 2.13 23.26 8.28
C LEU A 75 1.54 24.64 8.03
N GLU A 76 1.61 25.52 9.05
CA GLU A 76 1.15 26.90 8.91
C GLU A 76 2.30 27.74 8.38
N LYS A 77 2.49 27.65 7.06
CA LYS A 77 3.64 28.26 6.38
C LYS A 77 3.15 28.80 5.04
N GLU A 78 2.97 30.12 4.97
CA GLU A 78 2.49 30.75 3.75
C GLU A 78 3.15 32.12 3.56
N PRO A 87 -6.81 24.63 9.20
CA PRO A 87 -7.82 24.38 8.17
C PRO A 87 -8.69 23.17 8.48
N GLU A 88 -8.82 22.26 7.51
CA GLU A 88 -9.55 21.01 7.70
C GLU A 88 -8.66 19.90 8.22
N VAL A 89 -7.63 20.24 9.00
CA VAL A 89 -6.62 19.30 9.44
C VAL A 89 -7.02 18.72 10.79
N ALA A 90 -6.75 17.43 10.98
CA ALA A 90 -6.95 16.77 12.27
C ALA A 90 -5.68 16.88 13.09
N TRP A 91 -5.81 17.34 14.33
CA TRP A 91 -4.68 17.62 15.20
C TRP A 91 -4.64 16.62 16.34
N VAL A 92 -3.47 16.01 16.55
CA VAL A 92 -3.24 15.10 17.68
C VAL A 92 -2.68 15.90 18.84
N THR A 93 -3.25 15.70 20.02
CA THR A 93 -2.90 16.54 21.17
C THR A 93 -2.45 15.74 22.38
N HIS A 94 -3.07 14.61 22.67
CA HIS A 94 -2.77 13.81 23.85
C HIS A 94 -2.19 12.46 23.46
N TYR A 95 -1.45 11.87 24.39
CA TYR A 95 -1.05 10.46 24.32
C TYR A 95 -1.53 9.81 25.62
N GLY A 96 -2.60 9.03 25.53
CA GLY A 96 -3.27 8.52 26.70
C GLY A 96 -4.06 9.61 27.39
N ASP A 97 -3.53 10.11 28.52
CA ASP A 97 -4.15 11.22 29.23
C ASP A 97 -3.27 12.46 29.28
N SER A 98 -1.96 12.33 29.07
CA SER A 98 -1.06 13.47 29.12
C SER A 98 -1.05 14.18 27.76
N PRO A 99 -1.01 15.51 27.76
CA PRO A 99 -0.87 16.23 26.49
C PRO A 99 0.56 16.15 25.96
N LEU A 100 0.81 16.80 24.82
CA LEU A 100 2.10 16.73 24.14
C LEU A 100 2.86 18.04 24.27
N PRO A 101 4.20 18.01 24.18
CA PRO A 101 4.94 19.28 24.18
C PRO A 101 4.50 20.20 23.06
N GLU A 102 4.52 19.72 21.82
CA GLU A 102 3.95 20.39 20.68
C GLU A 102 2.80 19.55 20.13
N LYS A 103 1.77 20.22 19.64
CA LYS A 103 0.67 19.53 18.98
C LYS A 103 1.05 19.23 17.53
N ILE A 104 0.78 18.01 17.09
CA ILE A 104 1.10 17.58 15.74
C ILE A 104 -0.20 17.49 14.94
N ALA A 105 -0.08 17.36 13.63
CA ALA A 105 -1.26 17.35 12.77
C ALA A 105 -1.20 16.16 11.83
N ILE A 106 -2.38 15.58 11.55
CA ILE A 106 -2.49 14.47 10.61
C ILE A 106 -2.53 15.02 9.19
N ARG A 107 -1.84 14.35 8.27
CA ARG A 107 -1.59 14.89 6.95
C ARG A 107 -2.89 14.99 6.14
N PRO A 108 -3.21 16.17 5.61
CA PRO A 108 -4.22 16.24 4.54
C PRO A 108 -3.58 16.05 3.18
N THR A 109 -2.31 16.45 3.07
CA THR A 109 -1.48 16.26 1.90
C THR A 109 -0.03 16.54 2.29
N SER A 110 0.90 15.75 1.75
CA SER A 110 2.25 15.68 2.28
C SER A 110 3.23 16.62 1.58
N GLU A 111 2.78 17.79 1.13
CA GLU A 111 3.72 18.76 0.57
C GLU A 111 4.63 19.32 1.65
N THR A 112 4.04 19.81 2.74
CA THR A 112 4.80 20.39 3.85
C THR A 112 5.62 19.35 4.60
N ILE A 113 5.48 18.08 4.26
CA ILE A 113 6.22 17.01 4.91
C ILE A 113 7.44 16.59 4.10
N MET A 114 7.27 16.44 2.78
CA MET A 114 8.37 16.04 1.91
C MET A 114 9.28 17.21 1.56
N TYR A 115 8.72 18.41 1.38
CA TYR A 115 9.49 19.50 0.78
C TYR A 115 10.62 20.01 1.66
N PRO A 116 10.47 20.05 3.00
CA PRO A 116 11.66 20.32 3.82
C PRO A 116 12.79 19.34 3.58
N ALA A 117 12.48 18.08 3.27
CA ALA A 117 13.50 17.11 2.90
C ALA A 117 14.02 17.34 1.48
N TYR A 118 13.15 17.81 0.59
CA TYR A 118 13.60 18.21 -0.75
C TYR A 118 14.69 19.27 -0.64
N ALA A 119 14.44 20.31 0.16
CA ALA A 119 15.44 21.37 0.36
C ALA A 119 16.79 20.81 0.78
N LYS A 120 16.79 19.76 1.59
CA LYS A 120 18.05 19.14 1.99
C LYS A 120 18.66 18.33 0.85
N TRP A 121 17.81 17.70 0.04
CA TRP A 121 18.31 16.73 -0.93
C TRP A 121 18.83 17.38 -2.21
N ILE A 122 18.16 18.42 -2.72
CA ILE A 122 18.63 19.08 -3.93
C ILE A 122 19.75 20.07 -3.60
N ARG A 123 20.89 19.89 -4.26
CA ARG A 123 22.03 20.80 -4.13
C ARG A 123 22.50 21.29 -5.50
N SER A 124 22.73 20.37 -6.44
CA SER A 124 23.22 20.72 -7.77
C SER A 124 22.23 20.25 -8.83
N HIS A 125 22.52 20.63 -10.07
CA HIS A 125 21.72 20.18 -11.21
C HIS A 125 21.81 18.68 -11.43
N ARG A 126 22.75 18.00 -10.77
CA ARG A 126 22.87 16.55 -10.87
C ARG A 126 21.84 15.81 -10.04
N ASP A 127 21.24 16.48 -9.05
CA ASP A 127 20.21 15.87 -8.23
C ASP A 127 18.83 15.96 -8.87
N LEU A 128 18.71 16.66 -9.99
CA LEU A 128 17.44 16.90 -10.65
C LEU A 128 17.40 16.17 -11.99
N PRO A 129 16.24 15.63 -12.39
CA PRO A 129 14.96 15.71 -11.67
C PRO A 129 14.87 14.79 -10.45
N LEU A 130 13.91 15.07 -9.57
CA LEU A 130 13.63 14.20 -8.43
C LEU A 130 12.15 13.86 -8.42
N LYS A 131 11.82 12.58 -8.58
CA LYS A 131 10.45 12.12 -8.75
C LYS A 131 10.12 11.12 -7.66
N LEU A 132 9.29 11.52 -6.70
CA LEU A 132 8.87 10.66 -5.61
C LEU A 132 7.37 10.42 -5.70
N ASN A 133 6.92 9.34 -5.07
CA ASN A 133 5.50 9.03 -4.98
C ASN A 133 5.28 8.14 -3.76
N GLN A 134 4.11 8.30 -3.15
CA GLN A 134 3.74 7.44 -2.03
C GLN A 134 2.28 7.06 -2.14
N TRP A 135 2.00 5.80 -1.80
CA TRP A 135 0.65 5.27 -1.67
C TRP A 135 0.29 5.26 -0.19
N CYS A 136 -0.69 6.07 0.19
CA CYS A 136 -1.05 6.11 1.61
C CYS A 136 -2.48 6.63 1.73
N SER A 137 -2.85 7.06 2.94
CA SER A 137 -4.15 7.64 3.20
C SER A 137 -3.98 9.05 3.73
N VAL A 138 -4.99 9.88 3.49
CA VAL A 138 -5.00 11.23 4.02
C VAL A 138 -6.35 11.53 4.65
N VAL A 139 -6.33 12.47 5.58
CA VAL A 139 -7.45 12.79 6.45
C VAL A 139 -7.80 14.25 6.22
N ARG A 140 -8.90 14.48 5.49
CA ARG A 140 -9.49 15.80 5.34
C ARG A 140 -10.80 15.78 6.11
N TRP A 141 -10.84 16.49 7.24
CA TRP A 141 -12.00 16.43 8.13
C TRP A 141 -12.95 17.59 7.87
N GLU A 142 -13.53 17.60 6.67
CA GLU A 142 -14.69 18.43 6.41
C GLU A 142 -15.88 17.89 7.20
N PHE A 143 -16.77 18.79 7.62
CA PHE A 143 -17.92 18.36 8.38
C PHE A 143 -19.22 18.60 7.63
N LYS A 144 -19.24 18.22 6.36
CA LYS A 144 -20.46 18.22 5.57
C LYS A 144 -20.91 16.77 5.37
N GLN A 145 -21.82 16.56 4.44
CA GLN A 145 -22.41 15.23 4.24
C GLN A 145 -21.40 14.27 3.63
N PRO A 146 -21.03 13.19 4.33
CA PRO A 146 -20.07 12.24 3.75
C PRO A 146 -20.77 11.29 2.78
N THR A 147 -20.06 10.97 1.70
CA THR A 147 -20.52 10.04 0.70
C THR A 147 -19.47 8.95 0.53
N PRO A 148 -19.87 7.67 0.51
CA PRO A 148 -18.89 6.60 0.31
C PRO A 148 -18.09 6.80 -0.98
N PHE A 149 -16.78 6.54 -0.88
CA PHE A 149 -15.81 6.75 -1.95
C PHE A 149 -15.69 8.20 -2.39
N LEU A 150 -16.83 8.84 -2.65
CA LEU A 150 -16.81 10.17 -3.28
C LEU A 150 -16.21 11.22 -2.35
N ARG A 151 -16.82 11.41 -1.17
CA ARG A 151 -16.34 12.37 -0.18
C ARG A 151 -16.24 11.65 1.15
N THR A 152 -15.05 11.15 1.46
CA THR A 152 -14.80 10.55 2.77
C THR A 152 -13.80 11.41 3.55
N ARG A 153 -13.84 11.27 4.87
CA ARG A 153 -12.91 12.01 5.73
C ARG A 153 -11.55 11.35 5.82
N GLU A 154 -11.47 10.06 5.48
CA GLU A 154 -10.21 9.34 5.36
C GLU A 154 -10.24 8.60 4.04
N PHE A 155 -9.25 8.82 3.19
CA PHE A 155 -9.27 8.11 1.92
C PHE A 155 -7.85 7.75 1.48
N LEU A 156 -7.76 6.64 0.75
CA LEU A 156 -6.52 6.18 0.17
C LEU A 156 -6.25 6.90 -1.16
N TRP A 157 -4.98 7.10 -1.45
CA TRP A 157 -4.56 7.76 -2.68
C TRP A 157 -3.10 7.44 -2.94
N GLN A 158 -2.66 7.81 -4.12
CA GLN A 158 -1.25 8.01 -4.42
C GLN A 158 -1.02 9.49 -4.63
N GLU A 159 0.10 9.98 -4.09
CA GLU A 159 0.54 11.36 -4.32
C GLU A 159 1.98 11.33 -4.80
N GLY A 160 2.22 11.94 -5.96
CA GLY A 160 3.54 12.03 -6.55
C GLY A 160 3.99 13.49 -6.59
N HIS A 161 5.24 13.71 -6.18
CA HIS A 161 5.82 15.04 -6.11
C HIS A 161 7.15 15.01 -6.83
N THR A 162 7.32 15.94 -7.78
CA THR A 162 8.51 15.96 -8.62
C THR A 162 9.08 17.37 -8.65
N ALA A 163 10.40 17.46 -8.87
CA ALA A 163 11.11 18.72 -8.94
C ALA A 163 12.10 18.67 -10.10
N HIS A 164 12.11 19.72 -10.93
CA HIS A 164 12.89 19.76 -12.14
C HIS A 164 13.71 21.05 -12.21
N ALA A 165 14.71 21.05 -13.09
CA ALA A 165 15.58 22.22 -13.23
C ALA A 165 14.89 23.33 -14.02
N THR A 166 14.17 22.97 -15.09
CA THR A 166 13.46 23.93 -15.91
C THR A 166 11.95 23.70 -15.80
N GLU A 167 11.19 24.73 -16.17
CA GLU A 167 9.74 24.61 -16.04
C GLU A 167 9.12 23.85 -17.21
N GLU A 168 9.74 23.89 -18.38
CA GLU A 168 9.23 23.12 -19.51
C GLU A 168 9.21 21.63 -19.20
N GLU A 169 10.28 21.13 -18.58
CA GLU A 169 10.32 19.72 -18.19
C GLU A 169 9.26 19.38 -17.14
N ALA A 170 9.07 20.29 -16.19
CA ALA A 170 8.05 20.06 -15.15
C ALA A 170 6.66 19.98 -15.76
N TRP A 171 6.35 20.91 -16.68
CA TRP A 171 5.04 20.89 -17.31
C TRP A 171 4.86 19.67 -18.21
N GLU A 172 5.94 19.24 -18.87
CA GLU A 172 5.91 17.99 -19.62
C GLU A 172 5.51 16.83 -18.71
N LEU A 173 6.13 16.74 -17.53
CA LEU A 173 5.77 15.67 -16.59
C LEU A 173 4.34 15.81 -16.13
N VAL A 174 3.87 17.05 -15.93
CA VAL A 174 2.48 17.29 -15.54
C VAL A 174 1.54 16.66 -16.55
N LEU A 175 1.77 16.95 -17.84
CA LEU A 175 0.88 16.42 -18.88
C LEU A 175 1.01 14.91 -19.03
N ASP A 176 2.22 14.35 -18.83
CA ASP A 176 2.36 12.90 -18.86
C ASP A 176 1.57 12.24 -17.75
N ILE A 177 1.63 12.79 -16.54
CA ILE A 177 0.86 12.25 -15.43
C ILE A 177 -0.64 12.34 -15.72
N LEU A 178 -1.07 13.46 -16.30
CA LEU A 178 -2.49 13.59 -16.64
C LEU A 178 -2.91 12.55 -17.66
N GLU A 179 -2.04 12.24 -18.63
CA GLU A 179 -2.36 11.18 -19.58
C GLU A 179 -2.44 9.83 -18.88
N LEU A 180 -1.55 9.59 -17.92
CA LEU A 180 -1.63 8.36 -17.13
C LEU A 180 -2.98 8.27 -16.41
N TYR A 181 -3.48 9.40 -15.91
CA TYR A 181 -4.78 9.39 -15.24
C TYR A 181 -5.90 9.11 -16.23
N ARG A 182 -5.82 9.69 -17.43
CA ARG A 182 -6.83 9.41 -18.44
C ARG A 182 -6.84 7.93 -18.80
N ARG A 183 -5.66 7.30 -18.82
CA ARG A 183 -5.61 5.86 -19.06
C ARG A 183 -6.21 5.09 -17.89
N TRP A 184 -5.86 5.49 -16.66
CA TRP A 184 -6.44 4.90 -15.46
C TRP A 184 -7.96 4.86 -15.55
N TYR A 185 -8.57 5.95 -16.00
CA TYR A 185 -10.03 5.99 -16.00
C TYR A 185 -10.64 5.34 -17.25
N GLU A 186 -10.06 5.59 -18.42
CA GLU A 186 -10.68 5.14 -19.66
C GLU A 186 -10.21 3.76 -20.11
N GLU A 187 -8.97 3.40 -19.83
CA GLU A 187 -8.48 2.08 -20.22
C GLU A 187 -8.66 1.03 -19.13
N CYS A 188 -8.65 1.43 -17.86
CA CYS A 188 -8.87 0.48 -16.77
C CYS A 188 -10.33 0.49 -16.31
N LEU A 189 -10.80 1.64 -15.84
CA LEU A 189 -12.16 1.75 -15.31
C LEU A 189 -13.20 1.94 -16.40
N ALA A 190 -12.78 2.11 -17.66
CA ALA A 190 -13.70 2.31 -18.78
C ALA A 190 -14.66 3.48 -18.52
N VAL A 191 -14.16 4.51 -17.85
CA VAL A 191 -14.93 5.70 -17.54
C VAL A 191 -14.33 6.87 -18.33
N PRO A 192 -15.10 7.54 -19.18
CA PRO A 192 -14.54 8.64 -19.97
C PRO A 192 -14.35 9.89 -19.12
N VAL A 193 -13.19 10.53 -19.27
CA VAL A 193 -12.90 11.77 -18.58
C VAL A 193 -12.55 12.84 -19.61
N ILE A 194 -12.53 14.09 -19.14
CA ILE A 194 -12.19 15.23 -19.98
C ILE A 194 -10.95 15.89 -19.37
N LYS A 195 -9.88 15.95 -20.16
CA LYS A 195 -8.70 16.68 -19.76
C LYS A 195 -9.00 18.17 -19.80
N GLY A 196 -8.48 18.91 -18.82
CA GLY A 196 -8.77 20.34 -18.80
C GLY A 196 -7.87 21.07 -17.81
N GLU A 197 -8.01 22.38 -17.82
CA GLU A 197 -7.24 23.28 -16.98
C GLU A 197 -8.18 23.87 -15.93
N LYS A 198 -7.79 23.79 -14.65
CA LYS A 198 -8.62 24.33 -13.59
C LYS A 198 -8.60 25.85 -13.62
N SER A 199 -9.72 26.44 -13.21
CA SER A 199 -9.85 27.89 -13.23
C SER A 199 -8.89 28.52 -12.23
N GLU A 200 -8.78 29.85 -12.30
CA GLU A 200 -7.85 30.56 -11.42
C GLU A 200 -8.28 30.44 -9.96
N GLY A 201 -9.58 30.34 -9.70
CA GLY A 201 -10.07 30.20 -8.34
C GLY A 201 -10.16 28.78 -7.85
N GLU A 202 -10.28 27.81 -8.76
CA GLU A 202 -10.41 26.41 -8.40
C GLU A 202 -9.10 25.63 -8.51
N LYS A 203 -8.02 26.27 -8.94
CA LYS A 203 -6.75 25.57 -9.04
C LYS A 203 -6.20 25.31 -7.63
N PHE A 204 -5.14 24.48 -7.59
CA PHE A 204 -4.52 24.13 -6.33
C PHE A 204 -3.89 25.36 -5.70
N ALA A 205 -4.14 25.55 -4.40
CA ALA A 205 -3.65 26.73 -3.71
C ALA A 205 -2.13 26.80 -3.77
N GLY A 206 -1.62 28.00 -4.04
CA GLY A 206 -0.19 28.22 -4.16
C GLY A 206 0.43 27.75 -5.47
N GLY A 207 -0.28 26.95 -6.26
CA GLY A 207 0.27 26.47 -7.51
C GLY A 207 0.12 27.47 -8.64
N LYS A 208 0.88 27.24 -9.70
CA LYS A 208 0.82 28.12 -10.87
C LYS A 208 -0.36 27.76 -11.75
N LYS A 209 -0.52 26.47 -12.07
CA LYS A 209 -1.59 26.02 -12.94
C LYS A 209 -1.92 24.57 -12.60
N THR A 210 -3.22 24.27 -12.51
CA THR A 210 -3.70 22.94 -12.18
C THR A 210 -4.38 22.33 -13.38
N THR A 211 -3.93 21.14 -13.77
CA THR A 211 -4.60 20.33 -14.78
C THR A 211 -5.43 19.26 -14.08
N THR A 212 -6.44 18.77 -14.80
CA THR A 212 -7.40 17.87 -14.19
C THR A 212 -8.06 17.02 -15.27
N VAL A 213 -8.71 15.96 -14.81
CA VAL A 213 -9.65 15.18 -15.63
C VAL A 213 -10.98 15.18 -14.90
N GLU A 214 -12.06 15.45 -15.64
CA GLU A 214 -13.39 15.53 -15.05
C GLU A 214 -14.28 14.44 -15.61
N ALA A 215 -15.12 13.87 -14.75
CA ALA A 215 -16.10 12.86 -15.13
C ALA A 215 -17.50 13.37 -14.84
N PHE A 216 -18.49 12.70 -15.44
CA PHE A 216 -19.87 13.16 -15.44
C PHE A 216 -20.80 12.07 -14.92
N ILE A 217 -21.61 12.41 -13.92
CA ILE A 217 -22.68 11.54 -13.44
C ILE A 217 -23.99 12.05 -14.01
N PRO A 218 -24.60 11.36 -14.99
CA PRO A 218 -25.82 11.90 -15.61
C PRO A 218 -27.03 11.82 -14.73
N GLU A 219 -27.06 10.89 -13.78
CA GLU A 219 -28.27 10.65 -12.99
C GLU A 219 -28.64 11.86 -12.15
N ASN A 220 -27.64 12.61 -11.69
CA ASN A 220 -27.85 13.90 -11.04
C ASN A 220 -27.16 15.05 -11.79
N GLY A 221 -26.68 14.79 -13.00
CA GLY A 221 -26.07 15.82 -13.83
C GLY A 221 -24.90 16.53 -13.20
N ARG A 222 -24.07 15.83 -12.44
CA ARG A 222 -23.01 16.45 -11.67
C ARG A 222 -21.64 16.13 -12.27
N GLY A 223 -20.79 17.14 -12.34
CA GLY A 223 -19.39 16.91 -12.64
C GLY A 223 -18.62 16.54 -11.39
N ILE A 224 -17.55 15.78 -11.57
CA ILE A 224 -16.72 15.34 -10.44
C ILE A 224 -15.28 15.24 -10.91
N GLN A 225 -14.36 15.78 -10.12
CA GLN A 225 -12.95 15.80 -10.48
C GLN A 225 -12.35 14.43 -10.21
N ALA A 226 -12.01 13.71 -11.28
CA ALA A 226 -11.52 12.35 -11.16
C ALA A 226 -10.13 12.31 -10.55
N ALA A 227 -9.18 13.04 -11.14
CA ALA A 227 -7.81 13.10 -10.67
C ALA A 227 -7.28 14.51 -10.91
N THR A 228 -6.02 14.74 -10.53
CA THR A 228 -5.46 16.08 -10.65
C THR A 228 -3.95 16.02 -10.83
N SER A 229 -3.42 17.03 -11.51
CA SER A 229 -1.97 17.16 -11.71
C SER A 229 -1.65 18.65 -11.68
N HIS A 230 -0.89 19.08 -10.68
CA HIS A 230 -0.59 20.49 -10.48
C HIS A 230 0.80 20.82 -10.97
N LEU A 231 0.93 22.00 -11.59
CA LEU A 231 2.21 22.66 -11.78
C LEU A 231 2.36 23.66 -10.64
N LEU A 232 3.07 23.25 -9.59
CA LEU A 232 3.35 24.18 -8.51
C LEU A 232 4.29 25.30 -8.95
N GLY A 233 5.11 25.03 -9.97
CA GLY A 233 6.00 26.07 -10.46
C GLY A 233 7.14 26.31 -9.49
N THR A 234 7.52 27.56 -9.33
CA THR A 234 8.60 27.93 -8.42
C THR A 234 8.12 28.29 -7.02
N ASN A 235 6.81 28.24 -6.78
CA ASN A 235 6.25 28.89 -5.59
C ASN A 235 6.64 28.18 -4.31
N PHE A 236 6.61 26.85 -4.30
CA PHE A 236 6.92 26.13 -3.06
C PHE A 236 8.41 26.12 -2.75
N ALA A 237 9.25 26.11 -3.79
CA ALA A 237 10.68 26.24 -3.56
C ALA A 237 11.02 27.52 -2.81
N LYS A 238 10.26 28.59 -3.04
CA LYS A 238 10.44 29.83 -2.28
C LYS A 238 10.08 29.62 -0.81
N MET A 239 9.05 28.81 -0.54
CA MET A 239 8.63 28.59 0.84
C MET A 239 9.63 27.75 1.61
N PHE A 240 10.20 26.72 0.96
CA PHE A 240 11.05 25.77 1.66
C PHE A 240 12.52 25.88 1.29
N GLU A 241 12.92 26.93 0.59
CA GLU A 241 14.32 27.18 0.22
C GLU A 241 14.92 25.99 -0.51
N ILE A 242 14.21 25.52 -1.54
CA ILE A 242 14.64 24.40 -2.36
C ILE A 242 15.32 25.01 -3.59
N GLU A 243 16.64 25.12 -3.53
CA GLU A 243 17.42 25.73 -4.61
C GLU A 243 18.50 24.75 -5.06
N PHE A 244 19.02 24.99 -6.25
CA PHE A 244 20.09 24.19 -6.81
C PHE A 244 21.09 25.09 -7.51
N GLU A 245 22.27 24.53 -7.80
CA GLU A 245 23.31 25.24 -8.52
C GLU A 245 23.27 24.83 -9.99
N ASP A 246 23.18 25.83 -10.87
CA ASP A 246 23.09 25.56 -12.29
C ASP A 246 24.40 24.96 -12.81
N GLU A 247 24.37 24.54 -14.08
CA GLU A 247 25.58 24.02 -14.72
C GLU A 247 26.70 25.05 -14.74
N GLU A 248 26.37 26.34 -14.57
CA GLU A 248 27.33 27.42 -14.62
C GLU A 248 27.62 28.03 -13.25
N GLY A 249 26.99 27.54 -12.19
CA GLY A 249 27.22 28.03 -10.85
C GLY A 249 26.16 28.95 -10.31
N HIS A 250 25.24 29.42 -11.16
CA HIS A 250 24.16 30.28 -10.69
C HIS A 250 23.19 29.48 -9.82
N LYS A 251 22.74 30.11 -8.74
CA LYS A 251 21.82 29.47 -7.80
C LYS A 251 20.38 29.80 -8.21
N ARG A 252 19.59 28.77 -8.53
CA ARG A 252 18.27 28.95 -9.11
C ARG A 252 17.25 28.05 -8.40
N LEU A 253 15.98 28.34 -8.65
CA LEU A 253 14.87 27.66 -7.99
C LEU A 253 14.38 26.48 -8.83
N VAL A 254 14.00 25.41 -8.13
CA VAL A 254 13.43 24.24 -8.82
C VAL A 254 12.00 24.55 -9.26
N HIS A 255 11.52 23.76 -10.21
CA HIS A 255 10.14 23.84 -10.68
C HIS A 255 9.44 22.54 -10.28
N GLN A 256 8.42 22.64 -9.44
CA GLN A 256 7.81 21.49 -8.82
C GLN A 256 6.43 21.20 -9.41
N THR A 257 6.09 19.91 -9.43
CA THR A 257 4.78 19.41 -9.80
C THR A 257 4.28 18.47 -8.70
N SER A 258 2.96 18.43 -8.55
CA SER A 258 2.31 17.57 -7.57
C SER A 258 1.03 17.02 -8.17
N TRP A 259 0.83 15.70 -8.02
CA TRP A 259 -0.31 15.02 -8.62
C TRP A 259 -0.79 13.92 -7.68
N GLY A 260 -2.03 13.51 -7.85
CA GLY A 260 -2.59 12.51 -6.95
C GLY A 260 -3.88 11.94 -7.48
N CYS A 261 -4.22 10.77 -6.96
CA CYS A 261 -5.48 10.12 -7.33
C CYS A 261 -5.92 9.18 -6.20
N THR A 262 -7.23 9.16 -5.94
CA THR A 262 -7.81 8.61 -4.72
C THR A 262 -8.68 7.39 -5.04
N THR A 263 -9.34 6.87 -3.99
CA THR A 263 -10.32 5.81 -4.16
C THR A 263 -11.61 6.30 -4.82
N ARG A 264 -11.82 7.61 -4.86
CA ARG A 264 -12.99 8.17 -5.54
C ARG A 264 -13.20 7.54 -6.91
N SER A 265 -12.11 7.25 -7.63
CA SER A 265 -12.19 6.61 -8.93
C SER A 265 -13.14 5.42 -8.91
N LEU A 266 -12.89 4.47 -7.99
CA LEU A 266 -13.77 3.32 -7.84
C LEU A 266 -15.23 3.75 -7.79
N GLY A 267 -15.55 4.67 -6.88
CA GLY A 267 -16.89 5.23 -6.78
C GLY A 267 -17.44 5.65 -8.12
N VAL A 268 -16.71 6.53 -8.83
CA VAL A 268 -17.18 7.00 -10.13
C VAL A 268 -17.48 5.82 -11.03
N MET A 269 -16.56 4.84 -11.07
CA MET A 269 -16.75 3.65 -11.90
C MET A 269 -18.12 3.03 -11.65
N ILE A 270 -18.46 2.82 -10.37
CA ILE A 270 -19.75 2.26 -10.02
C ILE A 270 -20.86 3.05 -10.70
N MET A 271 -20.90 4.36 -10.43
CA MET A 271 -21.98 5.18 -10.94
C MET A 271 -22.07 5.12 -12.46
N THR A 272 -20.93 4.89 -13.13
CA THR A 272 -20.95 4.92 -14.58
C THR A 272 -21.55 3.65 -15.17
N HIS A 273 -21.39 2.51 -14.50
CA HIS A 273 -21.65 1.23 -15.13
C HIS A 273 -22.77 0.43 -14.49
N GLY A 274 -22.97 0.56 -13.17
CA GLY A 274 -23.99 -0.24 -12.51
C GLY A 274 -25.38 0.00 -13.10
N ASP A 275 -26.22 -1.03 -13.02
CA ASP A 275 -27.59 -0.92 -13.53
C ASP A 275 -28.61 -1.26 -12.45
N ASP A 276 -29.87 -1.47 -12.86
CA ASP A 276 -30.92 -1.76 -11.90
C ASP A 276 -30.71 -3.10 -11.19
N LYS A 277 -29.83 -3.95 -11.71
CA LYS A 277 -29.54 -5.24 -11.09
C LYS A 277 -28.40 -5.17 -10.08
N GLY A 278 -27.55 -4.14 -10.17
CA GLY A 278 -26.43 -4.05 -9.27
C GLY A 278 -25.18 -3.49 -9.94
N LEU A 279 -24.02 -4.05 -9.62
CA LEU A 279 -22.78 -3.56 -10.19
C LEU A 279 -22.59 -4.06 -11.61
N VAL A 280 -21.78 -3.32 -12.36
CA VAL A 280 -21.15 -3.79 -13.60
C VAL A 280 -19.69 -3.39 -13.50
N ILE A 281 -18.80 -4.38 -13.50
CA ILE A 281 -17.38 -4.17 -13.24
C ILE A 281 -16.62 -4.41 -14.54
N PRO A 282 -15.85 -3.44 -15.04
CA PRO A 282 -15.10 -3.64 -16.28
C PRO A 282 -14.10 -4.78 -16.13
N PRO A 283 -14.01 -5.65 -17.13
CA PRO A 283 -13.18 -6.86 -17.00
C PRO A 283 -11.70 -6.60 -16.78
N ARG A 284 -11.17 -5.45 -17.20
CA ARG A 284 -9.74 -5.22 -17.01
C ARG A 284 -9.38 -4.95 -15.56
N VAL A 285 -10.36 -4.64 -14.71
CA VAL A 285 -10.13 -4.40 -13.29
C VAL A 285 -10.88 -5.36 -12.40
N ALA A 286 -11.68 -6.26 -12.97
CA ALA A 286 -12.51 -7.15 -12.17
C ALA A 286 -11.67 -8.21 -11.47
N SER A 287 -12.02 -8.49 -10.21
CA SER A 287 -11.33 -9.54 -9.47
C SER A 287 -11.71 -10.93 -9.96
N VAL A 288 -12.99 -11.14 -10.26
CA VAL A 288 -13.48 -12.39 -10.84
C VAL A 288 -14.02 -12.05 -12.22
N GLN A 289 -13.25 -12.40 -13.26
CA GLN A 289 -13.71 -12.16 -14.63
C GLN A 289 -14.81 -13.13 -15.02
N VAL A 290 -14.64 -14.42 -14.71
CA VAL A 290 -15.61 -15.45 -15.05
C VAL A 290 -15.93 -16.24 -13.79
N VAL A 291 -17.21 -16.33 -13.47
CA VAL A 291 -17.68 -17.15 -12.35
C VAL A 291 -18.33 -18.41 -12.91
N ILE A 292 -17.80 -19.57 -12.49
CA ILE A 292 -18.34 -20.85 -12.93
C ILE A 292 -19.34 -21.32 -11.88
N ILE A 293 -20.59 -21.50 -12.30
CA ILE A 293 -21.66 -21.86 -11.37
C ILE A 293 -22.18 -23.24 -11.72
N PRO A 294 -21.90 -24.27 -10.91
CA PRO A 294 -22.47 -25.59 -11.17
C PRO A 294 -23.97 -25.60 -10.84
N ILE A 295 -24.75 -26.18 -11.74
CA ILE A 295 -26.22 -26.17 -11.61
C ILE A 295 -26.59 -27.37 -10.73
N LEU A 296 -26.69 -27.12 -9.43
CA LEU A 296 -27.04 -28.17 -8.47
C LEU A 296 -28.32 -27.83 -7.70
N THR A 302 -22.34 -36.18 -6.65
CA THR A 302 -22.46 -35.03 -7.55
C THR A 302 -21.09 -34.42 -7.89
N GLY A 303 -20.06 -35.27 -7.93
CA GLY A 303 -18.74 -34.81 -8.32
C GLY A 303 -18.54 -34.71 -9.82
N GLU A 304 -19.41 -35.37 -10.59
CA GLU A 304 -19.29 -35.40 -12.04
C GLU A 304 -19.26 -33.99 -12.65
N ILE A 305 -19.98 -33.05 -12.04
CA ILE A 305 -20.06 -31.69 -12.58
C ILE A 305 -18.92 -30.83 -12.06
N LEU A 306 -18.62 -30.92 -10.75
CA LEU A 306 -17.55 -30.11 -10.19
C LEU A 306 -16.20 -30.45 -10.79
N GLY A 307 -15.98 -31.72 -11.15
CA GLY A 307 -14.71 -32.09 -11.77
C GLY A 307 -14.49 -31.36 -13.08
N LYS A 308 -15.52 -31.36 -13.94
CA LYS A 308 -15.40 -30.65 -15.21
C LYS A 308 -15.31 -29.15 -14.98
N CYS A 309 -15.99 -28.65 -13.95
CA CYS A 309 -15.85 -27.24 -13.59
C CYS A 309 -14.40 -26.90 -13.29
N ARG A 310 -13.73 -27.75 -12.52
CA ARG A 310 -12.33 -27.47 -12.15
C ARG A 310 -11.40 -27.63 -13.35
N GLU A 311 -11.69 -28.59 -14.22
CA GLU A 311 -10.93 -28.70 -15.47
C GLU A 311 -11.02 -27.41 -16.26
N LEU A 312 -12.22 -26.87 -16.41
CA LEU A 312 -12.39 -25.63 -17.16
C LEU A 312 -11.74 -24.45 -16.44
N LYS A 313 -11.78 -24.45 -15.10
CA LYS A 313 -11.10 -23.43 -14.33
C LYS A 313 -9.61 -23.40 -14.65
N THR A 314 -8.97 -24.57 -14.63
CA THR A 314 -7.53 -24.63 -14.94
C THR A 314 -7.25 -24.22 -16.38
N MET A 315 -8.10 -24.67 -17.32
CA MET A 315 -7.88 -24.33 -18.72
C MET A 315 -8.00 -22.83 -18.94
N LEU A 316 -8.97 -22.17 -18.30
CA LEU A 316 -9.12 -20.73 -18.46
C LEU A 316 -8.02 -19.97 -17.73
N GLU A 317 -7.58 -20.49 -16.57
CA GLU A 317 -6.45 -19.89 -15.88
C GLU A 317 -5.20 -19.92 -16.73
N LYS A 318 -5.05 -20.94 -17.58
CA LYS A 318 -3.95 -20.95 -18.54
C LYS A 318 -4.01 -19.79 -19.53
N ALA A 319 -5.13 -19.06 -19.60
CA ALA A 319 -5.25 -17.88 -20.42
C ALA A 319 -5.33 -16.60 -19.60
N ASP A 320 -4.85 -16.64 -18.35
CA ASP A 320 -4.83 -15.47 -17.46
C ASP A 320 -6.22 -14.95 -17.16
N ILE A 321 -7.23 -15.81 -17.22
CA ILE A 321 -8.59 -15.41 -16.90
C ILE A 321 -8.85 -15.69 -15.43
N ARG A 322 -9.32 -14.67 -14.71
CA ARG A 322 -9.57 -14.78 -13.28
C ARG A 322 -10.89 -15.50 -13.06
N VAL A 323 -10.83 -16.72 -12.56
CA VAL A 323 -12.00 -17.59 -12.44
C VAL A 323 -12.15 -18.01 -10.98
N ARG A 324 -13.40 -17.97 -10.50
CA ARG A 324 -13.77 -18.53 -9.21
C ARG A 324 -15.00 -19.40 -9.41
N ILE A 325 -14.93 -20.65 -8.93
CA ILE A 325 -16.03 -21.59 -9.05
C ILE A 325 -16.86 -21.53 -7.77
N ASP A 326 -18.14 -21.18 -7.91
CA ASP A 326 -19.03 -21.08 -6.75
C ASP A 326 -19.66 -22.46 -6.53
N ASP A 327 -18.90 -23.32 -5.86
CA ASP A 327 -19.33 -24.68 -5.55
C ASP A 327 -20.11 -24.78 -4.24
N ARG A 328 -20.53 -23.66 -3.66
CA ARG A 328 -21.33 -23.68 -2.45
C ARG A 328 -22.65 -24.40 -2.71
N SER A 329 -22.75 -25.66 -2.28
CA SER A 329 -23.91 -26.47 -2.58
C SER A 329 -25.15 -26.07 -1.81
N ASN A 330 -25.03 -25.20 -0.80
CA ASN A 330 -26.14 -24.85 0.06
C ASN A 330 -27.09 -23.80 -0.53
N TYR A 331 -26.82 -23.28 -1.73
CA TYR A 331 -27.66 -22.27 -2.35
C TYR A 331 -28.18 -22.76 -3.69
N THR A 332 -29.35 -22.23 -4.07
CA THR A 332 -29.89 -22.53 -5.39
C THR A 332 -29.07 -21.80 -6.46
N PRO A 333 -28.98 -22.37 -7.66
CA PRO A 333 -28.18 -21.71 -8.71
C PRO A 333 -28.65 -20.30 -9.05
N GLY A 334 -29.95 -20.03 -8.99
CA GLY A 334 -30.43 -18.69 -9.30
C GLY A 334 -30.04 -17.68 -8.23
N TRP A 335 -30.03 -18.11 -6.97
CA TRP A 335 -29.48 -17.27 -5.91
C TRP A 335 -28.05 -16.88 -6.22
N LYS A 336 -27.25 -17.83 -6.71
CA LYS A 336 -25.87 -17.53 -7.09
C LYS A 336 -25.84 -16.58 -8.28
N TYR A 337 -26.70 -16.81 -9.27
CA TYR A 337 -26.81 -15.89 -10.40
C TYR A 337 -26.95 -14.45 -9.90
N ASN A 338 -27.96 -14.22 -9.06
CA ASN A 338 -28.21 -12.86 -8.57
C ASN A 338 -27.06 -12.34 -7.71
N HIS A 339 -26.48 -13.22 -6.88
CA HIS A 339 -25.41 -12.80 -5.99
C HIS A 339 -24.19 -12.32 -6.77
N TRP A 340 -23.85 -13.01 -7.85
CA TRP A 340 -22.73 -12.57 -8.66
C TRP A 340 -23.11 -11.51 -9.67
N GLU A 341 -24.41 -11.29 -9.87
CA GLU A 341 -24.84 -10.15 -10.69
C GLU A 341 -24.73 -8.83 -9.93
N VAL A 342 -25.21 -8.82 -8.68
CA VAL A 342 -25.10 -7.59 -7.87
C VAL A 342 -23.63 -7.25 -7.65
N LYS A 343 -22.76 -8.26 -7.64
CA LYS A 343 -21.33 -7.99 -7.56
C LYS A 343 -20.75 -7.52 -8.89
N GLY A 344 -21.47 -7.73 -9.99
CA GLY A 344 -21.05 -7.21 -11.27
C GLY A 344 -19.98 -7.99 -11.97
N VAL A 345 -19.92 -9.31 -11.75
CA VAL A 345 -18.99 -10.17 -12.48
C VAL A 345 -19.37 -10.14 -13.95
N PRO A 346 -18.44 -9.78 -14.84
CA PRO A 346 -18.83 -9.62 -16.26
C PRO A 346 -19.38 -10.88 -16.90
N LEU A 347 -18.81 -12.05 -16.61
CA LEU A 347 -19.17 -13.29 -17.27
C LEU A 347 -19.62 -14.32 -16.26
N ARG A 348 -20.69 -15.04 -16.59
CA ARG A 348 -21.20 -16.14 -15.78
C ARG A 348 -21.23 -17.38 -16.64
N LEU A 349 -20.55 -18.44 -16.20
CA LEU A 349 -20.43 -19.69 -16.94
C LEU A 349 -21.29 -20.75 -16.25
N GLU A 350 -22.48 -20.99 -16.80
CA GLU A 350 -23.35 -22.05 -16.33
C GLU A 350 -22.94 -23.37 -16.97
N LEU A 351 -22.79 -24.40 -16.12
CA LEU A 351 -22.40 -25.74 -16.54
C LEU A 351 -23.33 -26.74 -15.87
N GLY A 352 -24.42 -27.09 -16.55
CA GLY A 352 -25.37 -28.03 -16.04
C GLY A 352 -24.99 -29.46 -16.37
N PRO A 353 -25.77 -30.42 -15.87
CA PRO A 353 -25.51 -31.82 -16.24
C PRO A 353 -25.83 -32.12 -17.69
N LYS A 354 -26.87 -31.49 -18.25
CA LYS A 354 -27.13 -31.64 -19.68
C LYS A 354 -25.98 -31.09 -20.50
N ASP A 355 -25.32 -30.05 -20.01
CA ASP A 355 -24.17 -29.49 -20.72
C ASP A 355 -23.02 -30.48 -20.80
N LEU A 356 -22.90 -31.39 -19.83
CA LEU A 356 -21.72 -32.24 -19.76
C LEU A 356 -21.69 -33.24 -20.91
N ALA A 357 -22.85 -33.71 -21.36
CA ALA A 357 -22.87 -34.66 -22.47
C ALA A 357 -22.61 -33.97 -23.80
N LYS A 358 -23.13 -32.74 -23.96
CA LYS A 358 -22.93 -31.99 -25.20
C LYS A 358 -21.54 -31.37 -25.29
N GLY A 359 -20.84 -31.27 -24.16
CA GLY A 359 -19.51 -30.69 -24.16
C GLY A 359 -19.46 -29.18 -24.27
N THR A 360 -20.56 -28.49 -24.01
CA THR A 360 -20.61 -27.04 -24.08
C THR A 360 -20.91 -26.46 -22.71
N ALA A 361 -20.87 -25.13 -22.65
CA ALA A 361 -21.23 -24.38 -21.46
C ALA A 361 -21.96 -23.11 -21.89
N ARG A 362 -22.87 -22.63 -21.05
CA ARG A 362 -23.68 -21.47 -21.37
C ARG A 362 -23.13 -20.25 -20.64
N VAL A 363 -22.56 -19.30 -21.38
CA VAL A 363 -21.98 -18.09 -20.82
C VAL A 363 -22.94 -16.93 -21.02
N VAL A 364 -23.17 -16.16 -19.97
CA VAL A 364 -24.00 -14.97 -20.02
C VAL A 364 -23.19 -13.78 -19.53
N ARG A 365 -23.21 -12.69 -20.30
CA ARG A 365 -22.47 -11.49 -19.94
C ARG A 365 -23.33 -10.57 -19.09
N ARG A 366 -22.65 -9.76 -18.28
CA ARG A 366 -23.33 -8.95 -17.27
C ARG A 366 -23.93 -7.67 -17.84
N ASP A 367 -23.30 -7.08 -18.86
CA ASP A 367 -23.71 -5.75 -19.30
C ASP A 367 -25.00 -5.80 -20.11
N THR A 368 -25.12 -6.74 -21.06
CA THR A 368 -26.28 -6.81 -21.92
C THR A 368 -27.22 -7.96 -21.59
N GLY A 369 -26.71 -9.03 -20.99
CA GLY A 369 -27.50 -10.23 -20.77
C GLY A 369 -27.50 -11.20 -21.93
N GLU A 370 -26.88 -10.85 -23.06
CA GLU A 370 -26.80 -11.75 -24.19
C GLU A 370 -26.15 -13.07 -23.78
N ALA A 371 -26.77 -14.17 -24.18
CA ALA A 371 -26.34 -15.51 -23.78
C ALA A 371 -25.77 -16.25 -24.97
N TYR A 372 -24.60 -16.86 -24.78
CA TYR A 372 -23.94 -17.67 -25.80
C TYR A 372 -23.71 -19.07 -25.26
N GLN A 373 -23.67 -20.05 -26.15
CA GLN A 373 -23.31 -21.42 -25.78
C GLN A 373 -22.04 -21.78 -26.52
N ILE A 374 -20.98 -22.11 -25.78
CA ILE A 374 -19.64 -22.28 -26.34
C ILE A 374 -19.13 -23.67 -26.04
N SER A 375 -18.47 -24.28 -27.01
CA SER A 375 -17.78 -25.54 -26.79
C SER A 375 -16.62 -25.33 -25.81
N TRP A 376 -16.24 -26.40 -25.13
CA TRP A 376 -15.18 -26.29 -24.14
C TRP A 376 -13.85 -25.88 -24.77
N ALA A 377 -13.59 -26.33 -26.00
CA ALA A 377 -12.34 -25.98 -26.66
C ALA A 377 -12.30 -24.52 -27.06
N ASP A 378 -13.43 -23.97 -27.47
CA ASP A 378 -13.51 -22.56 -27.86
C ASP A 378 -13.73 -21.63 -26.67
N LEU A 379 -13.69 -22.16 -25.44
CA LEU A 379 -14.08 -21.36 -24.29
C LEU A 379 -13.13 -20.19 -24.07
N ALA A 380 -11.82 -20.48 -24.00
CA ALA A 380 -10.85 -19.44 -23.65
C ALA A 380 -10.80 -18.28 -24.63
N PRO A 381 -10.57 -18.50 -25.94
CA PRO A 381 -10.50 -17.34 -26.84
C PRO A 381 -11.82 -16.59 -26.96
N LYS A 382 -12.95 -17.31 -26.90
CA LYS A 382 -14.24 -16.65 -26.99
C LYS A 382 -14.50 -15.78 -25.78
N LEU A 383 -14.12 -16.24 -24.58
CA LEU A 383 -14.28 -15.40 -23.39
C LEU A 383 -13.33 -14.20 -23.43
N LEU A 384 -12.12 -14.38 -23.97
CA LEU A 384 -11.23 -13.24 -24.14
C LEU A 384 -11.86 -12.18 -25.04
N GLU A 385 -12.33 -12.61 -26.22
CA GLU A 385 -12.99 -11.70 -27.15
C GLU A 385 -14.20 -11.04 -26.49
N LEU A 386 -14.94 -11.79 -25.68
CA LEU A 386 -16.16 -11.27 -25.07
C LEU A 386 -15.84 -10.22 -24.02
N MET A 387 -14.78 -10.44 -23.22
CA MET A 387 -14.40 -9.44 -22.23
C MET A 387 -13.88 -8.18 -22.90
N GLU A 388 -13.12 -8.33 -23.98
CA GLU A 388 -12.69 -7.15 -24.74
C GLU A 388 -13.90 -6.37 -25.25
N GLY A 389 -14.88 -7.09 -25.81
CA GLY A 389 -16.08 -6.43 -26.30
C GLY A 389 -16.88 -5.75 -25.21
N ILE A 390 -16.99 -6.39 -24.04
CA ILE A 390 -17.69 -5.79 -22.92
C ILE A 390 -17.01 -4.49 -22.50
N GLN A 391 -15.67 -4.51 -22.38
CA GLN A 391 -14.95 -3.30 -22.04
C GLN A 391 -15.22 -2.19 -23.05
N ARG A 392 -15.06 -2.50 -24.35
CA ARG A 392 -15.29 -1.50 -25.39
C ARG A 392 -16.70 -0.93 -25.32
N SER A 393 -17.71 -1.80 -25.14
CA SER A 393 -19.09 -1.34 -25.17
C SER A 393 -19.43 -0.50 -23.95
N LEU A 394 -18.97 -0.92 -22.76
CA LEU A 394 -19.17 -0.09 -21.57
C LEU A 394 -18.59 1.30 -21.77
N PHE A 395 -17.33 1.37 -22.22
CA PHE A 395 -16.71 2.68 -22.38
C PHE A 395 -17.40 3.52 -23.45
N GLU A 396 -17.78 2.89 -24.56
CA GLU A 396 -18.39 3.65 -25.65
C GLU A 396 -19.78 4.15 -25.27
N LYS A 397 -20.55 3.33 -24.54
CA LYS A 397 -21.84 3.79 -24.06
C LYS A 397 -21.68 4.95 -23.07
N ALA A 398 -20.68 4.86 -22.19
CA ALA A 398 -20.46 5.96 -21.25
C ALA A 398 -20.00 7.23 -21.97
N LYS A 399 -19.20 7.08 -23.03
CA LYS A 399 -18.73 8.23 -23.80
C LYS A 399 -19.88 8.90 -24.56
N ALA A 400 -20.76 8.09 -25.14
CA ALA A 400 -21.95 8.65 -25.78
C ALA A 400 -22.83 9.37 -24.78
N ARG A 401 -23.02 8.78 -23.59
CA ARG A 401 -23.79 9.47 -22.56
C ARG A 401 -23.15 10.79 -22.18
N LEU A 402 -21.81 10.81 -22.10
CA LEU A 402 -21.11 12.05 -21.77
C LEU A 402 -21.37 13.12 -22.83
N HIS A 403 -21.23 12.77 -24.10
CA HIS A 403 -21.44 13.76 -25.15
C HIS A 403 -22.91 14.14 -25.31
N GLU A 404 -23.83 13.33 -24.79
CA GLU A 404 -25.23 13.72 -24.76
C GLU A 404 -25.53 14.71 -23.64
N GLY A 405 -24.69 14.76 -22.62
CA GLY A 405 -24.96 15.59 -21.46
C GLY A 405 -24.26 16.92 -21.41
N ILE A 406 -23.61 17.35 -22.49
CA ILE A 406 -22.90 18.61 -22.52
C ILE A 406 -23.50 19.48 -23.62
N GLU A 407 -23.89 20.70 -23.24
CA GLU A 407 -24.57 21.62 -24.13
C GLU A 407 -23.67 22.82 -24.41
N LYS A 408 -23.45 23.09 -25.69
CA LYS A 408 -22.65 24.23 -26.14
C LYS A 408 -23.55 25.46 -26.23
N ILE A 409 -23.22 26.50 -25.44
CA ILE A 409 -24.11 27.65 -25.31
C ILE A 409 -23.35 28.93 -25.63
N SER A 410 -24.12 30.00 -25.80
CA SER A 410 -23.62 31.33 -26.14
C SER A 410 -24.03 32.40 -25.14
N THR A 411 -25.28 32.38 -24.69
CA THR A 411 -25.80 33.37 -23.76
C THR A 411 -26.02 32.72 -22.41
N PHE A 412 -26.00 33.56 -21.36
CA PHE A 412 -26.41 33.09 -20.04
C PHE A 412 -27.87 32.66 -20.03
N ASP A 413 -28.68 33.18 -20.94
CA ASP A 413 -30.07 32.74 -21.06
C ASP A 413 -30.18 31.25 -21.35
N GLU A 414 -29.13 30.63 -21.88
CA GLU A 414 -29.13 29.21 -22.16
C GLU A 414 -28.73 28.36 -20.95
N VAL A 415 -28.31 28.98 -19.85
CA VAL A 415 -27.70 28.24 -18.75
C VAL A 415 -28.76 27.47 -17.97
N MET A 416 -29.71 28.18 -17.37
CA MET A 416 -30.69 27.55 -16.50
C MET A 416 -31.50 26.45 -17.18
N PRO A 417 -31.91 26.55 -18.45
CA PRO A 417 -32.51 25.37 -19.10
C PRO A 417 -31.64 24.14 -19.02
N ALA A 418 -30.38 24.26 -19.48
CA ALA A 418 -29.48 23.10 -19.52
C ALA A 418 -29.28 22.51 -18.13
N LEU A 419 -29.05 23.34 -17.13
CA LEU A 419 -28.90 22.84 -15.76
C LEU A 419 -30.14 22.10 -15.30
N ASN A 420 -31.32 22.51 -15.75
CA ASN A 420 -32.54 21.81 -15.37
C ASN A 420 -32.70 20.48 -16.11
N ARG A 421 -31.95 20.27 -17.18
CA ARG A 421 -31.96 18.99 -17.89
C ARG A 421 -30.86 18.05 -17.37
N LYS A 422 -30.33 18.31 -16.18
CA LYS A 422 -29.24 17.53 -15.60
C LYS A 422 -28.03 17.50 -16.55
N HIS A 423 -27.62 18.67 -17.00
CA HIS A 423 -26.59 18.79 -18.03
C HIS A 423 -25.49 19.74 -17.57
N LEU A 424 -24.45 19.82 -18.39
CA LEU A 424 -23.37 20.78 -18.24
C LEU A 424 -23.40 21.74 -19.42
N VAL A 425 -22.63 22.83 -19.32
CA VAL A 425 -22.59 23.84 -20.38
C VAL A 425 -21.14 24.16 -20.73
N LEU A 426 -20.83 24.13 -22.01
CA LEU A 426 -19.54 24.59 -22.52
C LEU A 426 -19.72 26.00 -23.07
N ALA A 427 -19.13 26.99 -22.40
CA ALA A 427 -19.46 28.36 -22.74
C ALA A 427 -18.22 29.20 -22.93
N PRO A 428 -18.26 30.17 -23.84
CA PRO A 428 -17.15 31.14 -23.97
C PRO A 428 -17.05 32.00 -22.73
N TRP A 429 -15.84 32.08 -22.18
CA TRP A 429 -15.61 32.73 -20.91
C TRP A 429 -14.35 33.57 -20.99
N CYS A 430 -14.37 34.72 -20.30
CA CYS A 430 -13.25 35.64 -20.20
C CYS A 430 -12.33 35.33 -19.01
N GLU A 431 -12.71 34.37 -18.17
CA GLU A 431 -11.86 33.78 -17.15
C GLU A 431 -11.53 34.73 -16.00
N ASP A 432 -12.28 35.81 -15.85
CA ASP A 432 -12.11 36.67 -14.68
C ASP A 432 -12.69 35.96 -13.46
N PRO A 433 -11.94 35.83 -12.36
CA PRO A 433 -12.44 35.01 -11.24
C PRO A 433 -13.67 35.58 -10.56
N GLU A 434 -13.75 36.91 -10.45
CA GLU A 434 -14.98 37.53 -9.98
C GLU A 434 -16.18 37.07 -10.82
N SER A 435 -15.97 36.89 -12.12
CA SER A 435 -17.04 36.38 -12.97
C SER A 435 -17.50 34.99 -12.52
N GLU A 436 -16.55 34.12 -12.18
CA GLU A 436 -16.92 32.78 -11.74
C GLU A 436 -17.70 32.84 -10.43
N GLU A 437 -17.24 33.64 -9.47
CA GLU A 437 -17.94 33.71 -8.20
C GLU A 437 -19.34 34.29 -8.39
N GLN A 438 -19.47 35.31 -9.25
CA GLN A 438 -20.78 35.89 -9.53
C GLN A 438 -21.70 34.89 -10.21
N ILE A 439 -21.16 34.05 -11.09
CA ILE A 439 -21.99 33.07 -11.76
C ILE A 439 -22.44 31.99 -10.78
N LYS A 440 -21.56 31.58 -9.86
CA LYS A 440 -21.95 30.65 -8.81
C LYS A 440 -23.11 31.21 -7.98
N LYS A 441 -22.94 32.43 -7.47
CA LYS A 441 -23.96 33.03 -6.62
C LYS A 441 -25.26 33.25 -7.39
N GLU A 442 -25.16 33.63 -8.68
CA GLU A 442 -26.35 33.90 -9.48
C GLU A 442 -27.08 32.62 -9.85
N THR A 443 -26.35 31.53 -10.09
CA THR A 443 -27.00 30.26 -10.38
C THR A 443 -27.68 29.71 -9.15
N GLN A 444 -27.08 29.90 -7.97
CA GLN A 444 -27.74 29.46 -6.74
C GLN A 444 -28.98 30.29 -6.46
N LYS A 445 -28.87 31.63 -6.57
CA LYS A 445 -29.98 32.53 -6.32
C LYS A 445 -31.15 32.32 -7.27
N LEU A 446 -30.96 31.53 -8.33
CA LEU A 446 -32.03 31.18 -9.26
C LEU A 446 -32.52 29.76 -9.09
N SER A 447 -31.62 28.81 -8.85
CA SER A 447 -32.04 27.44 -8.61
C SER A 447 -32.87 27.34 -7.34
N GLU A 448 -32.59 28.18 -6.35
CA GLU A 448 -33.41 28.16 -5.14
C GLU A 448 -34.82 28.72 -5.41
N ILE A 449 -34.91 29.79 -6.21
CA ILE A 449 -36.20 30.33 -6.60
C ILE A 449 -36.99 29.30 -7.40
N GLN A 450 -36.28 28.51 -8.22
CA GLN A 450 -36.93 27.42 -8.93
C GLN A 450 -37.49 26.38 -7.95
N ALA A 451 -36.63 25.87 -7.06
CA ALA A 451 -37.04 24.81 -6.14
C ALA A 451 -38.05 25.27 -5.09
N ILE A 452 -38.31 26.57 -4.99
CA ILE A 452 -39.35 27.07 -4.07
C ILE A 452 -40.68 26.36 -4.33
N GLU A 453 -41.11 26.33 -5.60
CA GLU A 453 -42.39 25.74 -5.96
C GLU A 453 -42.31 24.23 -6.21
N ALA A 454 -41.40 23.54 -5.52
CA ALA A 454 -41.28 22.10 -5.64
C ALA A 454 -41.39 21.36 -4.31
N GLY A 455 -41.38 22.07 -3.18
CA GLY A 455 -41.48 21.43 -1.88
C GLY A 455 -40.16 20.96 -1.30
N ASP A 456 -39.04 21.52 -1.74
CA ASP A 456 -37.73 21.11 -1.23
C ASP A 456 -36.95 22.31 -0.69
N GLY A 463 -27.25 23.83 -5.37
CA GLY A 463 -27.66 23.88 -6.76
C GLY A 463 -26.91 24.88 -7.61
N ALA A 464 -25.83 25.44 -7.07
CA ALA A 464 -25.05 26.43 -7.80
C ALA A 464 -24.20 25.76 -8.88
N MET A 465 -23.81 26.56 -9.87
CA MET A 465 -23.04 26.08 -11.01
C MET A 465 -21.66 26.73 -10.98
N LYS A 466 -20.62 25.91 -11.15
CA LYS A 466 -19.24 26.37 -11.09
C LYS A 466 -18.47 25.81 -12.27
N THR A 467 -17.22 26.25 -12.38
CA THR A 467 -16.33 25.80 -13.45
C THR A 467 -15.81 24.40 -13.14
N LEU A 468 -15.88 23.53 -14.14
CA LEU A 468 -15.31 22.18 -14.04
C LEU A 468 -13.88 22.16 -14.52
N CYS A 469 -13.66 22.53 -15.78
CA CYS A 469 -12.32 22.67 -16.33
C CYS A 469 -12.42 23.46 -17.63
N ILE A 470 -11.27 23.97 -18.07
CA ILE A 470 -11.13 24.52 -19.42
C ILE A 470 -10.55 23.42 -20.30
N PRO A 471 -11.39 22.71 -21.05
CA PRO A 471 -10.93 21.48 -21.72
C PRO A 471 -9.78 21.72 -22.69
N PHE A 472 -8.91 20.72 -22.79
CA PHE A 472 -7.76 20.82 -23.69
C PHE A 472 -8.20 20.90 -25.15
N ASP A 473 -9.25 20.15 -25.51
CA ASP A 473 -9.76 20.15 -26.88
C ASP A 473 -10.71 21.33 -27.03
N GLN A 474 -10.12 22.51 -27.17
CA GLN A 474 -10.89 23.74 -27.30
C GLN A 474 -11.48 23.83 -28.69
N PRO A 475 -12.80 24.03 -28.82
CA PRO A 475 -13.37 24.36 -30.13
C PRO A 475 -12.89 25.71 -30.60
N PRO A 476 -12.98 25.99 -31.90
CA PRO A 476 -12.55 27.31 -32.39
C PRO A 476 -13.29 28.45 -31.70
N MET A 477 -12.57 29.52 -31.44
CA MET A 477 -13.15 30.73 -30.84
C MET A 477 -13.22 31.82 -31.90
N PRO A 478 -14.41 32.15 -32.42
CA PRO A 478 -14.50 33.16 -33.48
C PRO A 478 -13.93 34.50 -33.04
N GLU A 479 -13.66 35.35 -34.04
CA GLU A 479 -13.05 36.64 -33.77
C GLU A 479 -13.96 37.48 -32.87
N GLY A 480 -13.36 38.12 -31.87
CA GLY A 480 -14.15 38.80 -30.87
C GLY A 480 -14.80 37.82 -29.92
N THR A 481 -16.09 37.55 -30.14
CA THR A 481 -16.91 36.69 -29.29
C THR A 481 -17.00 37.23 -27.87
N LYS A 482 -18.21 37.25 -27.31
CA LYS A 482 -18.45 37.86 -26.02
C LYS A 482 -18.55 36.78 -24.95
N CYS A 483 -18.06 37.10 -23.75
CA CYS A 483 -18.23 36.20 -22.62
C CYS A 483 -19.71 35.99 -22.36
N PHE A 484 -20.11 34.73 -22.18
CA PHE A 484 -21.53 34.40 -22.05
C PHE A 484 -22.17 34.98 -20.80
N TYR A 485 -21.43 35.66 -19.94
CA TYR A 485 -22.01 36.26 -18.74
C TYR A 485 -21.71 37.74 -18.59
N THR A 486 -20.53 38.20 -18.99
CA THR A 486 -20.12 39.57 -18.77
C THR A 486 -20.06 40.40 -20.05
N GLY A 487 -20.09 39.78 -21.22
CA GLY A 487 -19.94 40.53 -22.46
C GLY A 487 -18.53 40.97 -22.76
N LYS A 488 -17.56 40.60 -21.94
CA LYS A 488 -16.16 40.86 -22.25
C LYS A 488 -15.71 39.98 -23.39
N PRO A 489 -14.63 40.36 -24.09
CA PRO A 489 -14.06 39.47 -25.12
C PRO A 489 -13.72 38.12 -24.52
N ALA A 490 -14.33 37.08 -25.07
CA ALA A 490 -14.22 35.75 -24.49
C ALA A 490 -12.83 35.18 -24.71
N LYS A 491 -12.34 34.45 -23.71
CA LYS A 491 -11.04 33.76 -23.81
C LYS A 491 -11.23 32.35 -24.38
N ARG A 492 -11.84 31.46 -23.61
CA ARG A 492 -11.89 30.06 -24.02
C ARG A 492 -13.22 29.45 -23.61
N TRP A 493 -13.52 28.28 -24.18
CA TRP A 493 -14.73 27.53 -23.80
C TRP A 493 -14.45 26.78 -22.50
N THR A 494 -15.11 27.20 -21.42
CA THR A 494 -14.98 26.57 -20.13
C THR A 494 -16.16 25.64 -19.87
N LEU A 495 -15.90 24.54 -19.16
CA LEU A 495 -16.96 23.67 -18.67
C LEU A 495 -17.57 24.23 -17.40
N TRP A 496 -18.90 24.27 -17.36
CA TRP A 496 -19.65 24.67 -16.19
C TRP A 496 -20.67 23.59 -15.86
N GLY A 497 -20.94 23.44 -14.58
CA GLY A 497 -21.98 22.51 -14.14
C GLY A 497 -22.09 22.52 -12.63
N ARG A 498 -23.06 21.76 -12.14
CA ARG A 498 -23.19 21.55 -10.71
C ARG A 498 -22.19 20.49 -10.30
N SER A 499 -21.41 20.77 -9.26
CA SER A 499 -20.23 19.99 -8.93
C SER A 499 -20.52 18.99 -7.81
N TYR A 500 -19.51 18.19 -7.51
CA TYR A 500 -19.57 17.26 -6.39
C TYR A 500 -18.75 17.83 -5.24
N GLY B 1 33.15 12.58 -1.85
CA GLY B 1 32.66 11.21 -1.80
C GLY B 1 31.84 10.91 -0.56
N ALA B 2 31.06 9.82 -0.60
CA ALA B 2 30.17 9.43 0.49
C ALA B 2 30.35 7.93 0.76
N MET B 3 31.04 7.60 1.86
CA MET B 3 31.28 6.22 2.24
C MET B 3 31.18 6.10 3.76
N VAL B 4 31.44 4.89 4.27
CA VAL B 4 31.30 4.58 5.69
C VAL B 4 32.68 4.57 6.34
N THR B 5 32.86 5.38 7.37
CA THR B 5 34.10 5.42 8.14
C THR B 5 34.01 4.67 9.46
N ALA B 6 32.82 4.48 10.01
CA ALA B 6 32.66 3.76 11.26
C ALA B 6 32.85 2.25 11.05
N LYS B 7 33.36 1.58 12.08
CA LYS B 7 33.57 0.14 12.04
C LYS B 7 32.42 -0.55 12.75
N LYS B 8 31.98 -1.67 12.18
CA LYS B 8 30.78 -2.32 12.69
C LYS B 8 31.03 -3.05 14.01
N ASP B 9 32.26 -3.53 14.23
CA ASP B 9 32.57 -4.28 15.43
C ASP B 9 33.15 -3.41 16.54
N GLU B 10 33.00 -2.09 16.45
CA GLU B 10 33.48 -1.22 17.51
C GLU B 10 32.34 -0.38 18.07
N ASN B 11 32.00 0.72 17.41
CA ASN B 11 30.82 1.51 17.77
C ASN B 11 29.71 1.08 16.84
N PHE B 12 28.97 0.05 17.26
CA PHE B 12 27.91 -0.51 16.43
C PHE B 12 26.81 0.51 16.16
N SER B 13 26.53 1.39 17.14
CA SER B 13 25.47 2.38 16.97
C SER B 13 25.79 3.35 15.83
N GLU B 14 26.99 3.95 15.89
CA GLU B 14 27.38 4.88 14.84
C GLU B 14 27.50 4.19 13.49
N TRP B 15 27.94 2.94 13.48
CA TRP B 15 28.01 2.21 12.22
C TRP B 15 26.62 2.01 11.64
N TYR B 16 25.65 1.62 12.47
CA TYR B 16 24.27 1.45 11.99
C TYR B 16 23.75 2.75 11.41
N THR B 17 23.95 3.86 12.14
CA THR B 17 23.47 5.15 11.67
C THR B 17 24.12 5.53 10.35
N GLN B 18 25.45 5.37 10.25
CA GLN B 18 26.14 5.71 9.01
C GLN B 18 25.65 4.86 7.85
N ALA B 19 25.61 3.54 8.05
CA ALA B 19 25.22 2.63 6.98
C ALA B 19 23.83 2.93 6.46
N ILE B 20 22.88 3.24 7.35
CA ILE B 20 21.53 3.52 6.86
C ILE B 20 21.39 4.95 6.34
N VAL B 21 22.25 5.88 6.76
CA VAL B 21 22.16 7.26 6.29
C VAL B 21 22.91 7.45 4.98
N ARG B 22 24.17 7.06 4.94
CA ARG B 22 25.04 7.29 3.79
C ARG B 22 24.74 6.35 2.63
N SER B 23 23.61 5.63 2.68
CA SER B 23 23.15 4.79 1.58
C SER B 23 21.84 5.30 0.99
N GLU B 24 21.35 6.45 1.43
CA GLU B 24 20.09 7.04 0.96
C GLU B 24 18.91 6.13 1.27
N MET B 25 18.86 5.65 2.51
CA MET B 25 17.77 4.79 2.96
C MET B 25 16.77 5.55 3.83
N ILE B 26 17.25 6.27 4.84
CA ILE B 26 16.38 7.01 5.74
C ILE B 26 16.68 8.50 5.60
N GLU B 27 15.76 9.31 6.11
CA GLU B 27 15.98 10.73 6.29
C GLU B 27 15.34 11.16 7.60
N TYR B 28 15.99 12.06 8.32
CA TYR B 28 15.44 12.46 9.61
C TYR B 28 14.24 13.38 9.43
N TYR B 29 13.41 13.43 10.46
CA TYR B 29 12.21 14.25 10.48
C TYR B 29 12.25 15.18 11.69
N ASP B 30 11.47 16.26 11.62
CA ASP B 30 11.44 17.21 12.72
C ASP B 30 10.61 16.71 13.89
N ILE B 31 9.74 15.73 13.67
CA ILE B 31 8.99 15.09 14.75
C ILE B 31 9.80 13.90 15.25
N SER B 32 10.03 13.86 16.56
CA SER B 32 10.85 12.79 17.14
C SER B 32 10.20 11.43 16.90
N GLY B 33 11.05 10.41 16.76
CA GLY B 33 10.60 9.05 16.62
C GLY B 33 10.19 8.63 15.22
N CYS B 34 9.89 9.57 14.34
CA CYS B 34 9.50 9.26 12.97
C CYS B 34 10.65 9.53 12.00
N TYR B 35 10.73 8.70 10.97
CA TYR B 35 11.77 8.81 9.95
C TYR B 35 11.13 8.71 8.57
N ILE B 36 11.88 9.13 7.56
CA ILE B 36 11.42 9.16 6.18
C ILE B 36 12.07 7.99 5.45
N MET B 37 11.25 7.10 4.90
CA MET B 37 11.73 5.93 4.17
C MET B 37 11.99 6.33 2.72
N ARG B 38 13.26 6.42 2.34
CA ARG B 38 13.63 6.81 0.99
C ARG B 38 13.49 5.61 0.04
N PRO B 39 13.41 5.86 -1.27
CA PRO B 39 13.14 4.76 -2.21
C PRO B 39 14.08 3.57 -2.10
N TRP B 40 15.34 3.79 -1.78
CA TRP B 40 16.29 2.68 -1.73
C TRP B 40 15.89 1.67 -0.66
N ALA B 41 15.36 2.15 0.47
CA ALA B 41 14.85 1.25 1.49
C ALA B 41 13.46 0.75 1.15
N PHE B 42 12.69 1.53 0.40
CA PHE B 42 11.30 1.19 0.14
C PHE B 42 11.14 0.11 -0.92
N HIS B 43 12.05 0.04 -1.89
CA HIS B 43 11.93 -0.99 -2.91
C HIS B 43 12.27 -2.39 -2.37
N ILE B 44 12.82 -2.46 -1.16
CA ILE B 44 12.99 -3.75 -0.50
C ILE B 44 11.69 -4.15 0.21
N TRP B 45 11.08 -3.19 0.91
CA TRP B 45 9.75 -3.42 1.46
C TRP B 45 8.78 -3.83 0.37
N GLU B 46 8.91 -3.25 -0.82
CA GLU B 46 8.03 -3.62 -1.92
C GLU B 46 8.19 -5.09 -2.29
N LYS B 47 9.43 -5.57 -2.36
CA LYS B 47 9.67 -6.96 -2.72
C LYS B 47 9.12 -7.91 -1.67
N VAL B 48 9.45 -7.66 -0.39
CA VAL B 48 8.95 -8.56 0.65
C VAL B 48 7.43 -8.48 0.74
N GLN B 49 6.86 -7.30 0.47
CA GLN B 49 5.41 -7.14 0.49
C GLN B 49 4.75 -7.94 -0.63
N ARG B 50 5.29 -7.84 -1.85
CA ARG B 50 4.73 -8.59 -2.97
C ARG B 50 4.83 -10.09 -2.74
N PHE B 51 5.96 -10.55 -2.18
CA PHE B 51 6.11 -11.97 -1.91
C PHE B 51 5.08 -12.45 -0.89
N PHE B 52 5.03 -11.79 0.28
CA PHE B 52 4.10 -12.22 1.32
C PHE B 52 2.65 -12.11 0.84
N ASP B 53 2.35 -11.12 0.01
CA ASP B 53 1.00 -10.95 -0.50
C ASP B 53 0.61 -12.09 -1.42
N ASP B 54 1.49 -12.45 -2.36
CA ASP B 54 1.24 -13.62 -3.20
C ASP B 54 1.01 -14.86 -2.36
N GLU B 55 1.83 -15.05 -1.32
CA GLU B 55 1.71 -16.27 -0.52
C GLU B 55 0.40 -16.32 0.25
N ILE B 56 0.03 -15.23 0.92
CA ILE B 56 -1.21 -15.28 1.69
C ILE B 56 -2.43 -15.30 0.77
N LYS B 57 -2.31 -14.74 -0.44
CA LYS B 57 -3.41 -14.89 -1.39
C LYS B 57 -3.54 -16.32 -1.87
N LYS B 58 -2.42 -17.06 -1.90
CA LYS B 58 -2.52 -18.50 -2.14
C LYS B 58 -3.25 -19.21 -1.01
N MET B 59 -3.15 -18.70 0.22
CA MET B 59 -3.87 -19.27 1.34
C MET B 59 -5.34 -18.91 1.34
N GLY B 60 -5.76 -17.95 0.52
CA GLY B 60 -7.13 -17.49 0.51
C GLY B 60 -7.37 -16.18 1.23
N VAL B 61 -6.33 -15.57 1.81
CA VAL B 61 -6.48 -14.32 2.54
C VAL B 61 -6.65 -13.18 1.56
N GLU B 62 -7.69 -12.37 1.77
CA GLU B 62 -7.99 -11.25 0.90
C GLU B 62 -7.60 -9.94 1.57
N ASN B 63 -7.05 -9.02 0.79
CA ASN B 63 -6.63 -7.72 1.32
C ASN B 63 -7.84 -6.81 1.52
N SER B 64 -7.68 -5.87 2.44
CA SER B 64 -8.76 -4.97 2.81
C SER B 64 -8.16 -3.67 3.33
N TYR B 65 -9.01 -2.71 3.69
CA TYR B 65 -8.54 -1.51 4.38
C TYR B 65 -9.62 -1.00 5.31
N PHE B 66 -9.35 -1.04 6.62
CA PHE B 66 -10.14 -0.52 7.72
C PHE B 66 -9.59 0.83 8.17
N PRO B 67 -10.45 1.70 8.70
CA PRO B 67 -10.01 3.06 9.04
C PRO B 67 -8.87 3.08 10.05
N MET B 68 -8.12 4.18 10.03
CA MET B 68 -7.04 4.41 10.96
C MET B 68 -7.51 4.92 12.32
N PHE B 69 -8.81 5.16 12.49
CA PHE B 69 -9.37 5.71 13.71
C PHE B 69 -10.22 4.66 14.42
N VAL B 70 -10.33 4.83 15.74
CA VAL B 70 -11.14 3.94 16.57
C VAL B 70 -11.83 4.76 17.65
N SER B 71 -13.13 4.54 17.82
CA SER B 71 -13.86 5.22 18.89
C SER B 71 -13.31 4.81 20.25
N ARG B 72 -13.51 5.67 21.25
CA ARG B 72 -12.93 5.43 22.56
C ARG B 72 -13.55 4.21 23.23
N HIS B 73 -14.87 4.06 23.14
CA HIS B 73 -15.55 2.98 23.85
C HIS B 73 -15.24 1.61 23.26
N LYS B 74 -15.02 1.54 21.94
CA LYS B 74 -14.67 0.27 21.31
C LYS B 74 -13.25 -0.17 21.59
N LEU B 75 -12.42 0.73 22.13
CA LEU B 75 -11.04 0.40 22.51
C LEU B 75 -10.91 0.13 24.00
N GLU B 76 -11.91 0.49 24.81
CA GLU B 76 -11.89 0.34 26.26
C GLU B 76 -12.33 -1.05 26.71
N LYS B 77 -12.19 -2.07 25.88
CA LYS B 77 -12.67 -3.41 26.18
C LYS B 77 -11.51 -4.40 26.08
N GLU B 78 -11.13 -4.97 27.21
CA GLU B 78 -10.02 -5.92 27.27
C GLU B 78 -10.49 -7.30 27.75
N PRO B 87 -2.85 4.51 27.27
CA PRO B 87 -1.62 3.72 27.14
C PRO B 87 -0.59 4.41 26.25
N GLU B 88 -0.13 3.72 25.21
CA GLU B 88 0.76 4.29 24.21
C GLU B 88 0.00 4.71 22.96
N VAL B 89 -1.21 5.24 23.13
CA VAL B 89 -2.11 5.57 22.03
C VAL B 89 -2.21 7.08 21.92
N ALA B 90 -2.28 7.58 20.69
CA ALA B 90 -2.41 9.00 20.42
C ALA B 90 -3.86 9.34 20.09
N TRP B 91 -4.36 10.44 20.64
CA TRP B 91 -5.75 10.85 20.50
C TRP B 91 -5.86 12.12 19.68
N VAL B 92 -6.99 12.24 18.97
CA VAL B 92 -7.31 13.41 18.18
C VAL B 92 -8.44 14.17 18.87
N THR B 93 -8.31 15.48 18.99
CA THR B 93 -9.24 16.28 19.77
C THR B 93 -9.80 17.51 19.05
N HIS B 94 -9.21 17.94 17.94
CA HIS B 94 -9.67 19.14 17.26
C HIS B 94 -9.67 18.93 15.75
N TYR B 95 -10.46 19.75 15.07
CA TYR B 95 -10.53 19.83 13.60
C TYR B 95 -10.37 21.31 13.27
N GLY B 96 -9.13 21.72 13.00
CA GLY B 96 -8.87 23.13 12.81
C GLY B 96 -8.81 23.89 14.12
N ASP B 97 -9.96 24.41 14.57
CA ASP B 97 -9.99 25.20 15.79
C ASP B 97 -11.14 24.86 16.72
N SER B 98 -11.98 23.87 16.39
CA SER B 98 -13.10 23.50 17.23
C SER B 98 -12.92 22.09 17.78
N PRO B 99 -13.53 21.77 18.92
CA PRO B 99 -13.45 20.42 19.47
C PRO B 99 -14.52 19.49 18.91
N LEU B 100 -14.20 18.19 18.90
CA LEU B 100 -15.04 17.12 18.38
C LEU B 100 -15.90 16.52 19.48
N PRO B 101 -16.97 15.78 19.11
CA PRO B 101 -17.77 15.08 20.13
C PRO B 101 -16.96 14.12 20.99
N GLU B 102 -16.50 13.03 20.38
CA GLU B 102 -15.62 12.09 21.05
C GLU B 102 -14.18 12.30 20.56
N LYS B 103 -13.23 12.10 21.45
CA LYS B 103 -11.82 12.15 21.07
C LYS B 103 -11.44 10.81 20.45
N ILE B 104 -11.35 10.78 19.12
CA ILE B 104 -10.97 9.57 18.42
C ILE B 104 -9.47 9.37 18.50
N ALA B 105 -9.04 8.12 18.34
CA ALA B 105 -7.64 7.75 18.49
C ALA B 105 -7.13 7.03 17.25
N ILE B 106 -5.81 6.97 17.13
CA ILE B 106 -5.15 6.36 15.99
C ILE B 106 -4.83 4.91 16.34
N ARG B 107 -4.85 4.05 15.33
CA ARG B 107 -4.74 2.61 15.55
C ARG B 107 -3.34 2.20 15.98
N PRO B 108 -3.17 1.54 17.13
CA PRO B 108 -1.94 0.78 17.38
C PRO B 108 -2.02 -0.66 16.92
N THR B 109 -3.22 -1.10 16.57
CA THR B 109 -3.54 -2.44 16.13
C THR B 109 -5.00 -2.45 15.74
N SER B 110 -5.38 -3.15 14.69
CA SER B 110 -6.75 -3.03 14.20
C SER B 110 -7.67 -4.17 14.66
N GLU B 111 -7.45 -4.74 15.85
CA GLU B 111 -8.38 -5.73 16.38
C GLU B 111 -9.71 -5.09 16.75
N THR B 112 -9.65 -4.02 17.55
CA THR B 112 -10.83 -3.30 18.00
C THR B 112 -11.57 -2.58 16.86
N ILE B 113 -10.94 -2.44 15.70
CA ILE B 113 -11.58 -1.82 14.55
C ILE B 113 -12.26 -2.86 13.67
N MET B 114 -11.60 -4.00 13.45
CA MET B 114 -12.11 -5.03 12.54
C MET B 114 -13.10 -5.97 13.19
N TYR B 115 -12.98 -6.25 14.49
CA TYR B 115 -13.77 -7.32 15.08
C TYR B 115 -15.24 -6.95 15.27
N PRO B 116 -15.57 -5.68 15.58
CA PRO B 116 -16.98 -5.28 15.45
C PRO B 116 -17.57 -5.59 14.09
N ALA B 117 -16.77 -5.47 13.03
CA ALA B 117 -17.24 -5.86 11.70
C ALA B 117 -17.30 -7.37 11.56
N TYR B 118 -16.39 -8.11 12.22
CA TYR B 118 -16.41 -9.56 12.14
C TYR B 118 -17.67 -10.13 12.76
N ALA B 119 -18.10 -9.59 13.91
CA ALA B 119 -19.31 -10.09 14.55
C ALA B 119 -20.55 -9.84 13.69
N LYS B 120 -20.57 -8.73 12.95
CA LYS B 120 -21.69 -8.43 12.06
C LYS B 120 -21.66 -9.29 10.82
N TRP B 121 -20.47 -9.55 10.28
CA TRP B 121 -20.36 -10.34 9.05
C TRP B 121 -20.55 -11.82 9.30
N ILE B 122 -20.19 -12.31 10.47
CA ILE B 122 -20.24 -13.73 10.78
C ILE B 122 -21.59 -14.06 11.42
N ARG B 123 -22.35 -14.95 10.79
CA ARG B 123 -23.63 -15.38 11.32
C ARG B 123 -23.71 -16.91 11.35
N SER B 124 -23.30 -17.53 10.24
CA SER B 124 -23.35 -18.97 10.10
C SER B 124 -21.94 -19.51 9.85
N HIS B 125 -21.79 -20.82 10.07
CA HIS B 125 -20.51 -21.47 9.76
C HIS B 125 -20.18 -21.36 8.28
N ARG B 126 -21.19 -21.13 7.43
CA ARG B 126 -20.97 -20.92 6.01
C ARG B 126 -20.22 -19.62 5.72
N ASP B 127 -20.11 -18.73 6.72
CA ASP B 127 -19.32 -17.52 6.61
C ASP B 127 -17.87 -17.71 7.02
N LEU B 128 -17.49 -18.92 7.42
CA LEU B 128 -16.17 -19.21 7.93
C LEU B 128 -15.44 -20.18 7.01
N PRO B 129 -14.11 -20.06 6.87
CA PRO B 129 -13.27 -19.09 7.57
C PRO B 129 -13.25 -17.72 6.91
N LEU B 130 -13.08 -16.66 7.71
CA LEU B 130 -12.93 -15.31 7.21
C LEU B 130 -11.48 -14.90 7.40
N LYS B 131 -10.78 -14.63 6.29
CA LYS B 131 -9.37 -14.27 6.34
C LYS B 131 -9.18 -12.91 5.69
N LEU B 132 -8.75 -11.93 6.48
CA LEU B 132 -8.51 -10.59 5.98
C LEU B 132 -7.08 -10.18 6.30
N ASN B 133 -6.54 -9.28 5.48
CA ASN B 133 -5.23 -8.69 5.72
C ASN B 133 -5.26 -7.24 5.25
N GLN B 134 -4.41 -6.41 5.84
CA GLN B 134 -4.23 -5.06 5.33
C GLN B 134 -2.78 -4.61 5.55
N TRP B 135 -2.29 -3.83 4.59
CA TRP B 135 -0.98 -3.19 4.66
C TRP B 135 -1.21 -1.73 5.04
N CYS B 136 -0.73 -1.33 6.23
CA CYS B 136 -1.02 0.00 6.72
C CYS B 136 0.07 0.45 7.68
N SER B 137 0.00 1.72 8.06
CA SER B 137 0.87 2.28 9.07
C SER B 137 0.19 2.23 10.43
N VAL B 138 1.00 2.16 11.47
CA VAL B 138 0.52 2.02 12.84
C VAL B 138 1.38 2.86 13.76
N VAL B 139 0.74 3.58 14.68
CA VAL B 139 1.40 4.50 15.61
C VAL B 139 1.45 3.87 16.99
N ARG B 140 2.64 3.86 17.59
CA ARG B 140 2.83 3.38 18.95
C ARG B 140 3.79 4.33 19.64
N TRP B 141 3.28 5.10 20.60
CA TRP B 141 3.96 6.28 21.12
C TRP B 141 4.62 5.97 22.46
N GLU B 142 5.95 6.07 22.52
CA GLU B 142 6.69 5.86 23.75
C GLU B 142 7.64 7.01 23.99
N PHE B 143 7.77 7.40 25.28
CA PHE B 143 8.79 8.38 25.67
C PHE B 143 10.18 7.91 25.27
N LYS B 144 10.44 6.60 25.39
CA LYS B 144 11.79 6.07 25.32
C LYS B 144 12.47 6.42 24.00
N GLN B 145 13.80 6.28 24.00
CA GLN B 145 14.62 6.78 22.89
C GLN B 145 14.34 5.99 21.62
N PRO B 146 14.15 6.65 20.48
CA PRO B 146 13.85 5.94 19.24
C PRO B 146 15.10 5.38 18.57
N THR B 147 14.90 4.29 17.83
CA THR B 147 15.96 3.69 17.03
C THR B 147 15.38 3.42 15.64
N PRO B 148 16.06 3.84 14.58
CA PRO B 148 15.49 3.70 13.23
C PRO B 148 15.21 2.24 12.88
N PHE B 149 14.13 2.04 12.11
CA PHE B 149 13.68 0.74 11.62
C PHE B 149 13.21 -0.20 12.72
N LEU B 150 13.85 -0.16 13.88
CA LEU B 150 13.55 -1.11 14.96
C LEU B 150 12.55 -0.58 15.97
N ARG B 151 12.75 0.64 16.46
CA ARG B 151 11.84 1.28 17.42
C ARG B 151 11.39 2.62 16.83
N THR B 152 10.35 2.55 15.99
CA THR B 152 9.82 3.72 15.33
C THR B 152 8.40 3.98 15.84
N ARG B 153 8.08 5.26 16.06
CA ARG B 153 6.76 5.59 16.60
C ARG B 153 5.65 5.30 15.61
N GLU B 154 5.94 5.32 14.31
CA GLU B 154 4.95 5.03 13.29
C GLU B 154 5.60 4.14 12.23
N PHE B 155 5.16 2.89 12.16
CA PHE B 155 5.79 1.94 11.26
C PHE B 155 4.78 1.35 10.27
N LEU B 156 5.28 1.00 9.09
CA LEU B 156 4.50 0.26 8.12
C LEU B 156 4.50 -1.21 8.49
N TRP B 157 3.38 -1.88 8.22
CA TRP B 157 3.29 -3.30 8.53
C TRP B 157 2.15 -3.91 7.72
N GLN B 158 2.11 -5.23 7.74
CA GLN B 158 0.92 -5.98 7.38
C GLN B 158 0.34 -6.59 8.66
N GLU B 159 -0.98 -6.52 8.78
CA GLU B 159 -1.69 -7.21 9.85
C GLU B 159 -2.82 -8.02 9.23
N GLY B 160 -2.86 -9.30 9.54
CA GLY B 160 -3.91 -10.19 9.08
C GLY B 160 -4.67 -10.76 10.25
N HIS B 161 -6.00 -10.83 10.10
CA HIS B 161 -6.89 -11.38 11.10
C HIS B 161 -7.77 -12.43 10.45
N THR B 162 -7.84 -13.60 11.06
CA THR B 162 -8.62 -14.70 10.56
C THR B 162 -9.53 -15.23 11.65
N ALA B 163 -10.67 -15.77 11.22
CA ALA B 163 -11.66 -16.35 12.13
C ALA B 163 -12.11 -17.69 11.55
N HIS B 164 -11.97 -18.75 12.34
CA HIS B 164 -12.21 -20.10 11.90
C HIS B 164 -13.26 -20.75 12.79
N ALA B 165 -13.87 -21.81 12.27
CA ALA B 165 -14.87 -22.55 13.04
C ALA B 165 -14.24 -23.23 14.24
N THR B 166 -13.12 -23.92 14.02
CA THR B 166 -12.51 -24.74 15.05
C THR B 166 -11.11 -24.21 15.39
N GLU B 167 -10.66 -24.55 16.60
CA GLU B 167 -9.33 -24.13 17.04
C GLU B 167 -8.23 -24.90 16.31
N GLU B 168 -8.51 -26.12 15.87
CA GLU B 168 -7.52 -26.87 15.09
C GLU B 168 -7.15 -26.10 13.83
N GLU B 169 -8.16 -25.66 13.07
CA GLU B 169 -7.92 -24.91 11.85
C GLU B 169 -7.20 -23.59 12.14
N ALA B 170 -7.61 -22.90 13.19
CA ALA B 170 -6.99 -21.63 13.56
C ALA B 170 -5.51 -21.81 13.88
N TRP B 171 -5.19 -22.83 14.68
CA TRP B 171 -3.81 -23.10 15.03
C TRP B 171 -2.98 -23.49 13.80
N GLU B 172 -3.58 -24.29 12.91
CA GLU B 172 -2.88 -24.67 11.68
C GLU B 172 -2.53 -23.44 10.86
N LEU B 173 -3.47 -22.50 10.72
CA LEU B 173 -3.18 -21.29 9.96
C LEU B 173 -2.16 -20.41 10.68
N VAL B 174 -2.20 -20.36 12.01
CA VAL B 174 -1.18 -19.65 12.77
C VAL B 174 0.20 -20.16 12.40
N LEU B 175 0.36 -21.48 12.41
CA LEU B 175 1.66 -22.06 12.09
C LEU B 175 2.03 -21.82 10.63
N ASP B 176 1.05 -21.84 9.73
CA ASP B 176 1.34 -21.55 8.32
C ASP B 176 1.86 -20.12 8.15
N ILE B 177 1.24 -19.17 8.83
CA ILE B 177 1.70 -17.78 8.75
C ILE B 177 3.09 -17.65 9.37
N LEU B 178 3.35 -18.38 10.46
CA LEU B 178 4.69 -18.34 11.05
C LEU B 178 5.73 -18.87 10.08
N GLU B 179 5.39 -19.92 9.33
CA GLU B 179 6.29 -20.42 8.29
C GLU B 179 6.49 -19.38 7.20
N LEU B 180 5.42 -18.63 6.86
CA LEU B 180 5.57 -17.56 5.89
C LEU B 180 6.55 -16.50 6.39
N TYR B 181 6.51 -16.19 7.68
CA TYR B 181 7.47 -15.25 8.24
C TYR B 181 8.88 -15.82 8.22
N ARG B 182 9.01 -17.13 8.50
CA ARG B 182 10.31 -17.78 8.43
C ARG B 182 10.89 -17.68 7.03
N ARG B 183 10.06 -17.82 6.00
CA ARG B 183 10.54 -17.66 4.64
C ARG B 183 10.88 -16.20 4.35
N TRP B 184 10.01 -15.28 4.77
CA TRP B 184 10.28 -13.85 4.68
C TRP B 184 11.70 -13.51 5.13
N TYR B 185 12.07 -13.94 6.33
CA TYR B 185 13.40 -13.60 6.83
C TYR B 185 14.49 -14.47 6.23
N GLU B 186 14.32 -15.79 6.27
CA GLU B 186 15.39 -16.69 5.85
C GLU B 186 15.54 -16.75 4.34
N GLU B 187 14.42 -16.78 3.60
CA GLU B 187 14.51 -16.93 2.15
C GLU B 187 14.64 -15.60 1.41
N CYS B 188 13.94 -14.56 1.86
CA CYS B 188 14.00 -13.27 1.17
C CYS B 188 15.14 -12.39 1.70
N LEU B 189 15.25 -12.27 3.02
CA LEU B 189 16.22 -11.39 3.64
C LEU B 189 17.48 -12.10 4.10
N ALA B 190 17.53 -13.42 3.97
CA ALA B 190 18.70 -14.22 4.34
C ALA B 190 19.09 -14.01 5.81
N VAL B 191 18.12 -13.69 6.65
CA VAL B 191 18.33 -13.53 8.09
C VAL B 191 17.76 -14.76 8.78
N PRO B 192 18.57 -15.54 9.48
CA PRO B 192 18.04 -16.74 10.16
C PRO B 192 17.22 -16.34 11.38
N VAL B 193 16.05 -16.97 11.53
CA VAL B 193 15.18 -16.75 12.67
C VAL B 193 14.86 -18.09 13.31
N ILE B 194 14.53 -18.04 14.59
CA ILE B 194 14.19 -19.21 15.38
C ILE B 194 12.69 -19.17 15.66
N LYS B 195 11.97 -20.19 15.19
CA LYS B 195 10.57 -20.34 15.54
C LYS B 195 10.45 -20.72 17.01
N GLY B 196 9.44 -20.15 17.68
CA GLY B 196 9.30 -20.42 19.11
C GLY B 196 7.95 -19.99 19.63
N GLU B 197 7.68 -20.44 20.84
CA GLU B 197 6.46 -20.11 21.57
C GLU B 197 6.79 -19.05 22.62
N LYS B 198 5.94 -18.04 22.72
CA LYS B 198 6.22 -16.94 23.63
C LYS B 198 5.91 -17.35 25.07
N SER B 199 6.57 -16.67 26.00
CA SER B 199 6.30 -16.87 27.41
C SER B 199 4.89 -16.40 27.76
N GLU B 200 4.40 -16.87 28.91
CA GLU B 200 3.07 -16.42 29.35
C GLU B 200 3.05 -14.93 29.64
N GLY B 201 4.16 -14.38 30.11
CA GLY B 201 4.26 -12.95 30.37
C GLY B 201 4.64 -12.15 29.14
N GLU B 202 5.22 -12.82 28.15
CA GLU B 202 5.67 -12.17 26.92
C GLU B 202 4.69 -12.34 25.78
N LYS B 203 3.57 -13.01 25.98
CA LYS B 203 2.63 -13.28 24.90
C LYS B 203 1.65 -12.11 24.74
N PHE B 204 0.91 -12.16 23.62
CA PHE B 204 -0.03 -11.10 23.30
C PHE B 204 -1.13 -11.04 24.35
N ALA B 205 -1.51 -9.82 24.74
CA ALA B 205 -2.57 -9.63 25.71
C ALA B 205 -3.89 -10.15 25.15
N GLY B 206 -4.58 -10.98 25.94
CA GLY B 206 -5.85 -11.50 25.54
C GLY B 206 -5.81 -12.71 24.64
N GLY B 207 -4.65 -13.09 24.13
CA GLY B 207 -4.56 -14.27 23.29
C GLY B 207 -4.38 -15.55 24.10
N LYS B 208 -4.54 -16.68 23.41
CA LYS B 208 -4.29 -17.97 24.05
C LYS B 208 -2.82 -18.34 24.01
N LYS B 209 -2.25 -18.38 22.80
CA LYS B 209 -0.86 -18.75 22.60
C LYS B 209 -0.27 -17.88 21.51
N THR B 210 0.96 -17.44 21.68
CA THR B 210 1.63 -16.56 20.73
C THR B 210 2.88 -17.23 20.20
N THR B 211 2.95 -17.38 18.88
CA THR B 211 4.13 -17.91 18.21
C THR B 211 4.94 -16.76 17.64
N THR B 212 6.24 -16.98 17.49
CA THR B 212 7.14 -15.91 17.10
C THR B 212 8.34 -16.49 16.35
N VAL B 213 9.00 -15.62 15.59
CA VAL B 213 10.32 -15.88 15.03
C VAL B 213 11.26 -14.84 15.62
N GLU B 214 12.36 -15.30 16.21
CA GLU B 214 13.29 -14.43 16.91
C GLU B 214 14.61 -14.37 16.17
N ALA B 215 15.23 -13.19 16.18
CA ALA B 215 16.52 -12.94 15.55
C ALA B 215 17.51 -12.46 16.59
N PHE B 216 18.78 -12.44 16.21
CA PHE B 216 19.90 -12.25 17.13
C PHE B 216 20.90 -11.27 16.53
N ILE B 217 21.16 -10.18 17.24
CA ILE B 217 22.17 -9.21 16.85
C ILE B 217 23.43 -9.48 17.68
N PRO B 218 24.51 -9.96 17.08
CA PRO B 218 25.68 -10.38 17.87
C PRO B 218 26.50 -9.22 18.38
N GLU B 219 26.45 -8.08 17.69
CA GLU B 219 27.32 -6.96 18.03
C GLU B 219 27.06 -6.46 19.45
N ASN B 220 25.79 -6.43 19.86
CA ASN B 220 25.41 -6.12 21.23
C ASN B 220 24.87 -7.33 21.97
N GLY B 221 24.88 -8.50 21.35
CA GLY B 221 24.35 -9.70 21.97
C GLY B 221 22.90 -9.59 22.39
N ARG B 222 22.07 -8.99 21.54
CA ARG B 222 20.68 -8.71 21.89
C ARG B 222 19.73 -9.45 20.96
N GLY B 223 18.72 -10.08 21.53
CA GLY B 223 17.68 -10.70 20.73
C GLY B 223 16.59 -9.69 20.38
N ILE B 224 15.91 -9.95 19.26
CA ILE B 224 14.87 -9.04 18.79
C ILE B 224 13.79 -9.86 18.08
N GLN B 225 12.53 -9.55 18.37
CA GLN B 225 11.42 -10.29 17.79
C GLN B 225 11.21 -9.86 16.34
N ALA B 226 11.43 -10.79 15.40
CA ALA B 226 11.30 -10.49 13.98
C ALA B 226 9.83 -10.27 13.59
N ALA B 227 9.01 -11.31 13.72
CA ALA B 227 7.58 -11.20 13.44
C ALA B 227 6.77 -11.86 14.55
N THR B 228 5.47 -12.02 14.33
CA THR B 228 4.62 -12.59 15.38
C THR B 228 3.36 -13.18 14.76
N SER B 229 2.86 -14.24 15.37
CA SER B 229 1.66 -14.94 14.89
C SER B 229 0.91 -15.46 16.11
N HIS B 230 -0.29 -14.94 16.34
CA HIS B 230 -1.04 -15.20 17.56
C HIS B 230 -2.20 -16.14 17.30
N LEU B 231 -2.47 -17.02 18.26
CA LEU B 231 -3.72 -17.76 18.35
C LEU B 231 -4.53 -17.11 19.45
N LEU B 232 -5.43 -16.20 19.05
CA LEU B 232 -6.28 -15.54 20.03
C LEU B 232 -7.30 -16.50 20.63
N GLY B 233 -7.79 -17.45 19.85
CA GLY B 233 -8.80 -18.38 20.35
C GLY B 233 -10.17 -17.75 20.41
N THR B 234 -10.92 -18.03 21.48
CA THR B 234 -12.23 -17.45 21.67
C THR B 234 -12.22 -16.28 22.66
N ASN B 235 -11.05 -15.90 23.16
CA ASN B 235 -10.99 -14.84 24.15
C ASN B 235 -11.42 -13.50 23.57
N PHE B 236 -11.18 -13.28 22.28
CA PHE B 236 -11.62 -12.06 21.62
C PHE B 236 -13.05 -12.17 21.11
N ALA B 237 -13.47 -13.37 20.73
CA ALA B 237 -14.86 -13.58 20.34
C ALA B 237 -15.79 -13.24 21.49
N LYS B 238 -15.36 -13.52 22.73
CA LYS B 238 -16.14 -13.10 23.89
C LYS B 238 -16.18 -11.58 23.97
N MET B 239 -15.03 -10.93 23.81
CA MET B 239 -14.97 -9.48 23.93
C MET B 239 -15.83 -8.78 22.88
N PHE B 240 -15.99 -9.38 21.71
CA PHE B 240 -16.72 -8.73 20.62
C PHE B 240 -17.92 -9.51 20.11
N GLU B 241 -18.32 -10.59 20.79
CA GLU B 241 -19.56 -11.30 20.48
C GLU B 241 -19.59 -11.76 19.03
N ILE B 242 -18.53 -12.46 18.61
CA ILE B 242 -18.41 -12.99 17.26
C ILE B 242 -18.80 -14.47 17.32
N GLU B 243 -20.07 -14.75 16.99
CA GLU B 243 -20.62 -16.10 17.08
C GLU B 243 -21.13 -16.55 15.72
N PHE B 244 -21.29 -17.86 15.58
CA PHE B 244 -21.79 -18.47 14.35
C PHE B 244 -22.65 -19.67 14.72
N GLU B 245 -23.25 -20.28 13.70
CA GLU B 245 -24.03 -21.50 13.85
C GLU B 245 -23.48 -22.59 12.95
N ASP B 246 -23.45 -23.81 13.47
CA ASP B 246 -23.13 -24.97 12.65
C ASP B 246 -24.39 -25.38 11.88
N GLU B 247 -24.35 -26.54 11.23
CA GLU B 247 -25.54 -27.06 10.56
C GLU B 247 -26.51 -27.72 11.54
N GLU B 248 -26.30 -27.53 12.84
CA GLU B 248 -27.19 -28.04 13.87
C GLU B 248 -27.97 -26.94 14.59
N GLY B 249 -27.65 -25.68 14.34
CA GLY B 249 -28.32 -24.56 14.98
C GLY B 249 -27.68 -24.08 16.26
N HIS B 250 -26.52 -24.62 16.64
CA HIS B 250 -25.89 -24.29 17.90
C HIS B 250 -24.98 -23.07 17.72
N LYS B 251 -25.25 -22.01 18.48
CA LYS B 251 -24.38 -20.83 18.47
C LYS B 251 -23.08 -21.14 19.18
N ARG B 252 -21.97 -21.02 18.44
CA ARG B 252 -20.65 -21.27 18.97
C ARG B 252 -19.74 -20.08 18.70
N LEU B 253 -18.70 -19.96 19.52
CA LEU B 253 -17.73 -18.89 19.35
C LEU B 253 -16.75 -19.22 18.23
N VAL B 254 -16.29 -18.19 17.54
CA VAL B 254 -15.26 -18.36 16.53
C VAL B 254 -13.89 -18.44 17.20
N HIS B 255 -12.93 -19.01 16.49
CA HIS B 255 -11.54 -19.06 16.95
C HIS B 255 -10.74 -18.13 16.06
N GLN B 256 -10.19 -17.07 16.65
CA GLN B 256 -9.50 -16.03 15.90
C GLN B 256 -7.99 -16.18 16.01
N THR B 257 -7.32 -15.80 14.93
CA THR B 257 -5.88 -15.64 14.87
C THR B 257 -5.58 -14.24 14.33
N SER B 258 -4.44 -13.69 14.75
CA SER B 258 -3.97 -12.43 14.20
C SER B 258 -2.45 -12.47 14.13
N TRP B 259 -1.91 -11.82 13.10
CA TRP B 259 -0.48 -11.90 12.83
C TRP B 259 -0.05 -10.63 12.10
N GLY B 260 1.24 -10.33 12.19
CA GLY B 260 1.73 -9.10 11.60
C GLY B 260 3.22 -9.11 11.38
N CYS B 261 3.66 -8.22 10.50
CA CYS B 261 5.09 -8.03 10.27
C CYS B 261 5.36 -6.59 9.83
N THR B 262 6.44 -6.02 10.37
CA THR B 262 6.77 -4.60 10.26
C THR B 262 8.00 -4.41 9.38
N THR B 263 8.39 -3.14 9.19
CA THR B 263 9.63 -2.81 8.51
C THR B 263 10.86 -3.09 9.38
N ARG B 264 10.65 -3.49 10.64
CA ARG B 264 11.77 -3.85 11.50
C ARG B 264 12.66 -4.89 10.82
N SER B 265 12.05 -5.81 10.06
CA SER B 265 12.80 -6.77 9.25
C SER B 265 13.95 -6.10 8.51
N LEU B 266 13.63 -5.04 7.76
CA LEU B 266 14.66 -4.30 7.03
C LEU B 266 15.83 -3.96 7.93
N GLY B 267 15.55 -3.34 9.07
CA GLY B 267 16.61 -3.02 10.02
C GLY B 267 17.42 -4.25 10.40
N VAL B 268 16.73 -5.33 10.78
CA VAL B 268 17.43 -6.59 11.06
C VAL B 268 18.29 -6.97 9.87
N MET B 269 17.69 -6.97 8.67
CA MET B 269 18.41 -7.34 7.46
C MET B 269 19.70 -6.55 7.33
N ILE B 270 19.70 -5.28 7.74
CA ILE B 270 20.89 -4.47 7.63
C ILE B 270 21.97 -4.99 8.59
N MET B 271 21.62 -5.09 9.88
CA MET B 271 22.63 -5.44 10.88
C MET B 271 23.21 -6.82 10.62
N THR B 272 22.43 -7.70 9.98
CA THR B 272 22.88 -9.05 9.71
C THR B 272 23.87 -9.12 8.56
N HIS B 273 23.86 -8.14 7.65
CA HIS B 273 24.63 -8.26 6.41
C HIS B 273 25.55 -7.09 6.10
N GLY B 274 25.32 -5.92 6.69
CA GLY B 274 26.21 -4.81 6.43
C GLY B 274 27.60 -5.04 7.01
N ASP B 275 28.60 -4.41 6.40
CA ASP B 275 29.96 -4.50 6.88
C ASP B 275 30.57 -3.12 7.08
N ASP B 276 31.88 -3.05 7.28
CA ASP B 276 32.55 -1.77 7.51
C ASP B 276 32.49 -0.84 6.31
N LYS B 277 32.10 -1.35 5.14
CA LYS B 277 31.94 -0.54 3.94
C LYS B 277 30.51 -0.03 3.74
N GLY B 278 29.55 -0.58 4.46
CA GLY B 278 28.16 -0.15 4.31
C GLY B 278 27.18 -1.29 4.17
N LEU B 279 26.24 -1.16 3.24
CA LEU B 279 25.17 -2.13 3.08
C LEU B 279 25.63 -3.32 2.25
N VAL B 280 25.01 -4.48 2.53
CA VAL B 280 25.02 -5.63 1.65
C VAL B 280 23.59 -6.16 1.58
N ILE B 281 23.06 -6.28 0.37
CA ILE B 281 21.66 -6.59 0.15
C ILE B 281 21.57 -7.95 -0.54
N PRO B 282 20.83 -8.90 0.02
CA PRO B 282 20.66 -10.20 -0.65
C PRO B 282 20.02 -10.02 -2.01
N PRO B 283 20.49 -10.75 -3.02
CA PRO B 283 19.98 -10.52 -4.39
C PRO B 283 18.49 -10.75 -4.57
N ARG B 284 17.79 -11.32 -3.59
CA ARG B 284 16.37 -11.58 -3.74
C ARG B 284 15.50 -10.40 -3.37
N VAL B 285 16.00 -9.48 -2.54
CA VAL B 285 15.29 -8.25 -2.21
C VAL B 285 15.98 -7.02 -2.77
N ALA B 286 17.09 -7.18 -3.48
CA ALA B 286 17.81 -6.04 -4.01
C ALA B 286 17.02 -5.37 -5.11
N SER B 287 16.81 -4.05 -4.95
CA SER B 287 16.13 -3.28 -5.99
C SER B 287 16.90 -3.35 -7.30
N VAL B 288 18.20 -3.12 -7.26
CA VAL B 288 19.08 -3.25 -8.42
C VAL B 288 20.05 -4.38 -8.12
N GLN B 289 19.92 -5.49 -8.86
CA GLN B 289 20.81 -6.64 -8.63
C GLN B 289 22.19 -6.39 -9.23
N VAL B 290 22.25 -5.90 -10.46
CA VAL B 290 23.51 -5.67 -11.15
C VAL B 290 23.53 -4.23 -11.66
N VAL B 291 24.59 -3.49 -11.33
CA VAL B 291 24.78 -2.13 -11.80
C VAL B 291 25.93 -2.12 -12.79
N ILE B 292 25.67 -1.56 -13.98
CA ILE B 292 26.67 -1.49 -15.05
C ILE B 292 27.32 -0.12 -15.00
N ILE B 293 28.64 -0.10 -14.81
CA ILE B 293 29.37 1.16 -14.70
C ILE B 293 30.25 1.31 -15.94
N PRO B 294 29.86 2.17 -16.89
CA PRO B 294 30.70 2.36 -18.08
C PRO B 294 31.94 3.19 -17.77
N ILE B 295 33.07 2.75 -18.33
CA ILE B 295 34.35 3.43 -18.16
C ILE B 295 34.78 4.01 -19.51
N LEU B 296 35.08 5.31 -19.52
CA LEU B 296 35.44 6.00 -20.76
C LEU B 296 36.88 6.50 -20.71
N THR B 302 33.16 6.53 -24.95
CA THR B 302 32.78 6.60 -26.36
C THR B 302 31.45 5.87 -26.60
N GLY B 303 30.87 6.09 -27.79
CA GLY B 303 29.57 5.52 -28.09
C GLY B 303 29.55 4.01 -28.12
N GLU B 304 30.67 3.39 -28.49
CA GLU B 304 30.72 1.93 -28.60
C GLU B 304 30.48 1.27 -27.24
N ILE B 305 31.23 1.70 -26.22
CA ILE B 305 31.10 1.12 -24.89
C ILE B 305 29.72 1.37 -24.32
N LEU B 306 29.26 2.63 -24.42
CA LEU B 306 27.96 3.00 -23.85
C LEU B 306 26.83 2.25 -24.52
N GLY B 307 26.91 2.06 -25.84
CA GLY B 307 25.87 1.32 -26.54
C GLY B 307 25.94 -0.17 -26.33
N LYS B 308 27.13 -0.71 -26.05
CA LYS B 308 27.23 -2.12 -25.69
C LYS B 308 26.62 -2.38 -24.32
N CYS B 309 26.76 -1.42 -23.40
CA CYS B 309 26.17 -1.59 -22.07
C CYS B 309 24.67 -1.81 -22.15
N ARG B 310 23.98 -1.12 -23.07
CA ARG B 310 22.54 -1.28 -23.19
C ARG B 310 22.17 -2.66 -23.74
N GLU B 311 22.99 -3.16 -24.67
CA GLU B 311 22.80 -4.53 -25.14
C GLU B 311 22.91 -5.52 -24.00
N LEU B 312 23.92 -5.35 -23.14
CA LEU B 312 24.08 -6.27 -22.02
C LEU B 312 22.94 -6.11 -21.01
N LYS B 313 22.44 -4.89 -20.82
CA LYS B 313 21.30 -4.67 -19.95
C LYS B 313 20.08 -5.43 -20.45
N THR B 314 19.77 -5.28 -21.75
CA THR B 314 18.64 -6.02 -22.32
C THR B 314 18.83 -7.52 -22.18
N MET B 315 20.05 -8.00 -22.45
CA MET B 315 20.31 -9.43 -22.33
C MET B 315 20.04 -9.93 -20.92
N LEU B 316 20.58 -9.24 -19.92
CA LEU B 316 20.38 -9.70 -18.55
C LEU B 316 18.94 -9.53 -18.10
N GLU B 317 18.21 -8.55 -18.66
CA GLU B 317 16.80 -8.42 -18.33
C GLU B 317 15.99 -9.56 -18.93
N LYS B 318 16.47 -10.16 -20.03
CA LYS B 318 15.83 -11.37 -20.54
C LYS B 318 15.90 -12.53 -19.55
N ALA B 319 16.82 -12.48 -18.58
CA ALA B 319 16.89 -13.48 -17.53
C ALA B 319 16.27 -13.00 -16.22
N ASP B 320 15.39 -12.00 -16.29
CA ASP B 320 14.72 -11.42 -15.12
C ASP B 320 15.72 -10.89 -14.09
N ILE B 321 16.84 -10.37 -14.55
CA ILE B 321 17.80 -9.69 -13.69
C ILE B 321 17.46 -8.21 -13.70
N ARG B 322 17.69 -7.56 -12.56
CA ARG B 322 17.38 -6.14 -12.40
C ARG B 322 18.66 -5.35 -12.65
N VAL B 323 18.71 -4.62 -13.76
CA VAL B 323 19.90 -3.91 -14.20
C VAL B 323 19.59 -2.43 -14.31
N ARG B 324 20.48 -1.59 -13.78
CA ARG B 324 20.49 -0.17 -14.07
C ARG B 324 21.88 0.22 -14.53
N ILE B 325 21.97 0.93 -15.65
CA ILE B 325 23.24 1.40 -16.18
C ILE B 325 23.54 2.77 -15.59
N ASP B 326 24.72 2.91 -15.01
CA ASP B 326 25.14 4.19 -14.42
C ASP B 326 25.84 5.02 -15.48
N ASP B 327 25.05 5.42 -16.47
CA ASP B 327 25.53 6.24 -17.58
C ASP B 327 25.70 7.70 -17.21
N ARG B 328 25.47 8.08 -15.95
CA ARG B 328 25.66 9.46 -15.52
C ARG B 328 27.08 9.92 -15.84
N SER B 329 27.19 10.98 -16.63
CA SER B 329 28.49 11.40 -17.13
C SER B 329 29.25 12.22 -16.10
N ASN B 330 28.58 13.12 -15.41
CA ASN B 330 29.24 14.04 -14.48
C ASN B 330 29.47 13.40 -13.12
N TYR B 331 30.10 12.22 -13.11
CA TYR B 331 30.44 11.54 -11.87
C TYR B 331 31.65 10.66 -12.12
N THR B 332 32.69 10.82 -11.31
CA THR B 332 33.88 10.00 -11.47
C THR B 332 33.52 8.54 -11.27
N PRO B 333 34.17 7.64 -12.01
CA PRO B 333 33.85 6.20 -11.84
C PRO B 333 34.16 5.69 -10.45
N GLY B 334 35.16 6.26 -9.77
CA GLY B 334 35.42 5.87 -8.39
C GLY B 334 34.30 6.27 -7.47
N TRP B 335 33.67 7.43 -7.73
CA TRP B 335 32.53 7.82 -6.91
C TRP B 335 31.36 6.87 -7.13
N LYS B 336 31.15 6.41 -8.37
CA LYS B 336 30.12 5.41 -8.61
C LYS B 336 30.45 4.11 -7.88
N TYR B 337 31.73 3.71 -7.90
CA TYR B 337 32.15 2.54 -7.14
C TYR B 337 31.76 2.65 -5.68
N ASN B 338 32.20 3.73 -5.01
CA ASN B 338 31.92 3.88 -3.59
C ASN B 338 30.42 4.03 -3.34
N HIS B 339 29.73 4.74 -4.23
CA HIS B 339 28.29 4.96 -4.11
C HIS B 339 27.55 3.64 -4.08
N TRP B 340 27.77 2.80 -5.09
CA TRP B 340 27.08 1.52 -5.14
C TRP B 340 27.66 0.50 -4.17
N GLU B 341 28.87 0.73 -3.65
CA GLU B 341 29.37 -0.12 -2.58
C GLU B 341 28.58 0.10 -1.30
N VAL B 342 28.42 1.37 -0.90
CA VAL B 342 27.61 1.67 0.28
C VAL B 342 26.13 1.45 0.00
N LYS B 343 25.72 1.43 -1.27
CA LYS B 343 24.33 1.10 -1.58
C LYS B 343 24.02 -0.35 -1.27
N GLY B 344 25.00 -1.24 -1.41
CA GLY B 344 24.79 -2.65 -1.14
C GLY B 344 24.44 -3.50 -2.35
N VAL B 345 24.56 -2.98 -3.56
CA VAL B 345 24.18 -3.75 -4.75
C VAL B 345 25.06 -4.98 -4.85
N PRO B 346 24.50 -6.18 -5.07
CA PRO B 346 25.30 -7.41 -5.01
C PRO B 346 26.44 -7.49 -6.02
N LEU B 347 26.13 -7.39 -7.31
CA LEU B 347 27.15 -7.44 -8.35
C LEU B 347 27.30 -6.06 -8.99
N ARG B 348 28.53 -5.56 -9.01
CA ARG B 348 28.87 -4.38 -9.79
C ARG B 348 29.59 -4.84 -11.06
N LEU B 349 29.18 -4.27 -12.20
CA LEU B 349 29.68 -4.67 -13.51
C LEU B 349 30.44 -3.49 -14.12
N GLU B 350 31.73 -3.67 -14.34
CA GLU B 350 32.59 -2.67 -14.94
C GLU B 350 32.83 -3.04 -16.39
N LEU B 351 32.68 -2.06 -17.29
CA LEU B 351 32.93 -2.27 -18.72
C LEU B 351 33.64 -1.04 -19.26
N GLY B 352 34.95 -1.19 -19.53
CA GLY B 352 35.71 -0.13 -20.15
C GLY B 352 35.99 -0.42 -21.61
N PRO B 353 36.94 0.31 -22.19
CA PRO B 353 37.27 0.04 -23.61
C PRO B 353 38.01 -1.28 -23.81
N LYS B 354 38.97 -1.59 -22.94
CA LYS B 354 39.67 -2.86 -23.05
C LYS B 354 38.73 -4.04 -22.86
N ASP B 355 37.71 -3.88 -22.00
CA ASP B 355 36.72 -4.94 -21.81
C ASP B 355 35.90 -5.16 -23.07
N LEU B 356 35.42 -4.08 -23.69
CA LEU B 356 34.64 -4.20 -24.91
C LEU B 356 35.47 -4.84 -26.02
N ALA B 357 36.75 -4.46 -26.13
CA ALA B 357 37.61 -5.11 -27.12
C ALA B 357 37.81 -6.59 -26.79
N LYS B 358 37.97 -6.89 -25.50
CA LYS B 358 38.22 -8.26 -25.04
C LYS B 358 37.00 -9.15 -25.20
N GLY B 359 35.82 -8.59 -25.46
CA GLY B 359 34.62 -9.39 -25.52
C GLY B 359 34.14 -9.94 -24.19
N THR B 360 34.70 -9.45 -23.08
CA THR B 360 34.34 -9.91 -21.74
C THR B 360 34.00 -8.72 -20.87
N ALA B 361 33.63 -9.00 -19.63
CA ALA B 361 33.31 -7.98 -18.65
C ALA B 361 33.79 -8.42 -17.27
N ARG B 362 34.01 -7.45 -16.41
CA ARG B 362 34.57 -7.68 -15.08
C ARG B 362 33.52 -7.35 -14.02
N VAL B 363 33.13 -8.36 -13.25
CA VAL B 363 32.14 -8.18 -12.19
C VAL B 363 32.82 -8.39 -10.83
N VAL B 364 32.37 -7.63 -9.84
CA VAL B 364 32.93 -7.68 -8.50
C VAL B 364 31.76 -7.88 -7.53
N ARG B 365 31.75 -9.01 -6.85
CA ARG B 365 30.65 -9.31 -5.93
C ARG B 365 30.81 -8.53 -4.63
N ARG B 366 29.68 -8.13 -4.06
CA ARG B 366 29.69 -7.21 -2.93
C ARG B 366 30.02 -7.90 -1.61
N ASP B 367 29.68 -9.19 -1.48
CA ASP B 367 29.87 -9.86 -0.19
C ASP B 367 31.35 -10.09 0.11
N THR B 368 32.09 -10.67 -0.84
CA THR B 368 33.49 -11.00 -0.63
C THR B 368 34.47 -10.09 -1.35
N GLY B 369 34.03 -9.36 -2.37
CA GLY B 369 34.93 -8.58 -3.19
C GLY B 369 35.60 -9.36 -4.30
N GLU B 370 35.24 -10.63 -4.47
CA GLU B 370 35.86 -11.46 -5.50
C GLU B 370 35.60 -10.88 -6.89
N ALA B 371 36.65 -10.83 -7.71
CA ALA B 371 36.53 -10.34 -9.08
C ALA B 371 36.42 -11.51 -10.05
N TYR B 372 35.67 -11.29 -11.12
CA TYR B 372 35.45 -12.32 -12.13
C TYR B 372 35.50 -11.67 -13.51
N GLN B 373 36.17 -12.35 -14.44
CA GLN B 373 36.12 -12.00 -15.85
C GLN B 373 35.22 -13.01 -16.55
N ILE B 374 34.12 -12.53 -17.12
CA ILE B 374 33.12 -13.40 -17.73
C ILE B 374 32.90 -12.97 -19.17
N SER B 375 32.83 -13.95 -20.07
CA SER B 375 32.48 -13.67 -21.46
C SER B 375 31.01 -13.24 -21.54
N TRP B 376 30.68 -12.59 -22.67
CA TRP B 376 29.32 -12.10 -22.85
C TRP B 376 28.33 -13.24 -23.04
N ALA B 377 28.75 -14.33 -23.70
CA ALA B 377 27.85 -15.45 -23.93
C ALA B 377 27.54 -16.20 -22.64
N ASP B 378 28.45 -16.17 -21.68
CA ASP B 378 28.26 -16.82 -20.39
C ASP B 378 27.86 -15.85 -19.28
N LEU B 379 27.56 -14.60 -19.63
CA LEU B 379 27.37 -13.58 -18.61
C LEU B 379 26.11 -13.83 -17.79
N ALA B 380 24.98 -14.05 -18.46
CA ALA B 380 23.71 -14.19 -17.75
C ALA B 380 23.67 -15.40 -16.82
N PRO B 381 23.99 -16.63 -17.26
CA PRO B 381 23.93 -17.75 -16.31
C PRO B 381 24.98 -17.65 -15.22
N LYS B 382 26.16 -17.12 -15.52
CA LYS B 382 27.18 -16.95 -14.48
C LYS B 382 26.72 -15.94 -13.44
N LEU B 383 26.03 -14.89 -13.86
CA LEU B 383 25.49 -13.94 -12.88
C LEU B 383 24.35 -14.55 -12.08
N LEU B 384 23.54 -15.42 -12.69
CA LEU B 384 22.53 -16.15 -11.92
C LEU B 384 23.17 -16.99 -10.83
N GLU B 385 24.17 -17.81 -11.21
CA GLU B 385 24.89 -18.61 -10.23
C GLU B 385 25.53 -17.72 -9.16
N LEU B 386 26.07 -16.58 -9.58
CA LEU B 386 26.73 -15.68 -8.65
C LEU B 386 25.75 -15.15 -7.60
N MET B 387 24.58 -14.68 -8.05
CA MET B 387 23.58 -14.18 -7.11
C MET B 387 23.10 -15.28 -6.17
N GLU B 388 22.86 -16.48 -6.70
CA GLU B 388 22.39 -17.58 -5.85
C GLU B 388 23.44 -17.92 -4.79
N GLY B 389 24.71 -18.02 -5.19
CA GLY B 389 25.76 -18.30 -4.22
C GLY B 389 25.92 -17.19 -3.21
N ILE B 390 25.79 -15.94 -3.64
CA ILE B 390 25.92 -14.81 -2.72
C ILE B 390 24.81 -14.87 -1.66
N GLN B 391 23.58 -15.12 -2.10
CA GLN B 391 22.47 -15.22 -1.16
C GLN B 391 22.69 -16.37 -0.18
N ARG B 392 23.05 -17.55 -0.69
CA ARG B 392 23.26 -18.70 0.18
C ARG B 392 24.35 -18.42 1.20
N SER B 393 25.47 -17.81 0.77
CA SER B 393 26.57 -17.57 1.69
C SER B 393 26.22 -16.48 2.70
N LEU B 394 25.50 -15.44 2.26
CA LEU B 394 25.02 -14.44 3.19
C LEU B 394 24.17 -15.07 4.28
N PHE B 395 23.35 -16.07 3.92
CA PHE B 395 22.52 -16.72 4.93
C PHE B 395 23.34 -17.66 5.81
N GLU B 396 24.31 -18.36 5.23
CA GLU B 396 25.08 -19.34 6.01
C GLU B 396 26.00 -18.66 7.02
N LYS B 397 26.62 -17.54 6.64
CA LYS B 397 27.45 -16.81 7.60
C LYS B 397 26.64 -16.36 8.80
N ALA B 398 25.43 -15.86 8.56
CA ALA B 398 24.56 -15.42 9.64
C ALA B 398 24.08 -16.60 10.48
N LYS B 399 23.77 -17.73 9.84
CA LYS B 399 23.40 -18.92 10.59
C LYS B 399 24.52 -19.38 11.51
N ALA B 400 25.76 -19.33 11.01
CA ALA B 400 26.91 -19.72 11.82
C ALA B 400 27.09 -18.78 13.00
N ARG B 401 27.02 -17.46 12.76
CA ARG B 401 27.13 -16.50 13.85
C ARG B 401 26.03 -16.69 14.87
N LEU B 402 24.82 -17.00 14.40
CA LEU B 402 23.68 -17.24 15.28
C LEU B 402 23.96 -18.42 16.21
N HIS B 403 24.28 -19.58 15.63
CA HIS B 403 24.45 -20.76 16.47
C HIS B 403 25.72 -20.70 17.31
N GLU B 404 26.72 -19.91 16.91
CA GLU B 404 27.85 -19.68 17.81
C GLU B 404 27.52 -18.66 18.89
N GLY B 405 26.46 -17.88 18.71
CA GLY B 405 26.01 -16.94 19.72
C GLY B 405 25.02 -17.51 20.70
N ILE B 406 24.76 -18.81 20.66
CA ILE B 406 23.83 -19.48 21.58
C ILE B 406 24.58 -20.53 22.35
N GLU B 407 24.46 -20.52 23.68
CA GLU B 407 25.14 -21.44 24.56
C GLU B 407 24.11 -22.29 25.30
N LYS B 408 24.32 -23.60 25.32
CA LYS B 408 23.45 -24.52 26.04
C LYS B 408 23.98 -24.71 27.45
N ILE B 409 23.17 -24.36 28.44
CA ILE B 409 23.60 -24.34 29.84
C ILE B 409 22.70 -25.28 30.65
N SER B 410 23.13 -25.57 31.87
CA SER B 410 22.42 -26.44 32.80
C SER B 410 21.90 -25.72 34.02
N THR B 411 22.73 -24.89 34.66
CA THR B 411 22.38 -24.18 35.88
C THR B 411 22.36 -22.68 35.62
N PHE B 412 21.99 -21.92 36.66
CA PHE B 412 22.02 -20.47 36.57
C PHE B 412 23.43 -19.91 36.72
N ASP B 413 24.34 -20.67 37.32
CA ASP B 413 25.71 -20.20 37.48
C ASP B 413 26.41 -20.01 36.15
N GLU B 414 25.87 -20.57 35.07
CA GLU B 414 26.41 -20.37 33.73
C GLU B 414 25.81 -19.17 33.02
N VAL B 415 24.79 -18.54 33.59
CA VAL B 415 24.03 -17.50 32.89
C VAL B 415 24.89 -16.25 32.69
N MET B 416 25.39 -15.68 33.78
CA MET B 416 26.08 -14.40 33.69
C MET B 416 27.35 -14.42 32.84
N PRO B 417 28.20 -15.46 32.88
CA PRO B 417 29.30 -15.49 31.90
C PRO B 417 28.82 -15.44 30.47
N ALA B 418 27.85 -16.27 30.11
CA ALA B 418 27.37 -16.32 28.73
C ALA B 418 26.78 -14.98 28.31
N LEU B 419 26.03 -14.33 29.20
CA LEU B 419 25.51 -13.00 28.89
C LEU B 419 26.64 -12.02 28.62
N ASN B 420 27.76 -12.17 29.34
CA ASN B 420 28.88 -11.25 29.18
C ASN B 420 29.62 -11.50 27.87
N ARG B 421 29.58 -12.72 27.35
CA ARG B 421 30.16 -13.01 26.05
C ARG B 421 29.29 -12.56 24.89
N LYS B 422 28.30 -11.71 25.17
CA LYS B 422 27.36 -11.21 24.17
C LYS B 422 26.70 -12.37 23.44
N HIS B 423 26.16 -13.32 24.22
CA HIS B 423 25.51 -14.51 23.69
C HIS B 423 24.14 -14.67 24.32
N LEU B 424 23.41 -15.66 23.81
CA LEU B 424 22.13 -16.11 24.34
C LEU B 424 22.32 -17.46 25.04
N VAL B 425 21.34 -17.85 25.85
CA VAL B 425 21.42 -19.12 26.54
C VAL B 425 20.19 -19.95 26.24
N LEU B 426 20.39 -21.27 26.17
CA LEU B 426 19.31 -22.24 26.02
C LEU B 426 19.30 -23.10 27.27
N ALA B 427 18.25 -22.96 28.09
CA ALA B 427 18.28 -23.57 29.41
C ALA B 427 17.00 -24.34 29.70
N PRO B 428 17.07 -25.38 30.53
CA PRO B 428 15.86 -26.09 30.94
C PRO B 428 15.07 -25.26 31.94
N TRP B 429 13.82 -24.93 31.59
CA TRP B 429 13.00 -24.03 32.36
C TRP B 429 11.65 -24.66 32.64
N CYS B 430 11.12 -24.38 33.83
CA CYS B 430 9.85 -24.92 34.30
C CYS B 430 8.66 -24.05 33.93
N GLU B 431 8.90 -22.87 33.35
CA GLU B 431 7.85 -21.99 32.82
C GLU B 431 6.98 -21.37 33.90
N ASP B 432 7.46 -21.29 35.14
CA ASP B 432 6.75 -20.57 36.19
C ASP B 432 6.78 -19.07 35.87
N PRO B 433 5.63 -18.43 35.63
CA PRO B 433 5.66 -17.02 35.21
C PRO B 433 6.30 -16.08 36.22
N GLU B 434 6.22 -16.38 37.52
CA GLU B 434 6.91 -15.56 38.51
C GLU B 434 8.42 -15.70 38.38
N SER B 435 8.89 -16.89 38.02
CA SER B 435 10.31 -17.13 37.90
C SER B 435 10.94 -16.27 36.81
N GLU B 436 10.20 -16.00 35.74
CA GLU B 436 10.73 -15.15 34.68
C GLU B 436 10.99 -13.73 35.18
N GLU B 437 10.05 -13.17 35.94
CA GLU B 437 10.26 -11.84 36.51
C GLU B 437 11.42 -11.86 37.51
N GLN B 438 11.48 -12.89 38.36
CA GLN B 438 12.60 -13.00 39.29
C GLN B 438 13.94 -13.05 38.56
N ILE B 439 13.98 -13.78 37.45
CA ILE B 439 15.22 -13.93 36.69
C ILE B 439 15.59 -12.61 36.03
N LYS B 440 14.61 -11.91 35.45
CA LYS B 440 14.88 -10.59 34.90
C LYS B 440 15.48 -9.68 35.96
N LYS B 441 14.86 -9.66 37.15
CA LYS B 441 15.31 -8.79 38.22
C LYS B 441 16.74 -9.11 38.64
N GLU B 442 17.03 -10.40 38.85
CA GLU B 442 18.36 -10.73 39.34
C GLU B 442 19.43 -10.65 38.26
N THR B 443 19.07 -10.84 36.99
CA THR B 443 20.04 -10.62 35.92
C THR B 443 20.37 -9.14 35.80
N GLN B 444 19.37 -8.26 35.91
CA GLN B 444 19.65 -6.83 35.95
C GLN B 444 20.54 -6.49 37.14
N LYS B 445 20.20 -7.01 38.32
CA LYS B 445 20.99 -6.76 39.52
C LYS B 445 22.44 -7.18 39.33
N LEU B 446 22.66 -8.37 38.78
CA LEU B 446 24.02 -8.88 38.58
C LEU B 446 24.76 -8.06 37.54
N SER B 447 24.09 -7.67 36.45
CA SER B 447 24.74 -6.84 35.45
C SER B 447 25.12 -5.48 36.02
N GLU B 448 24.41 -5.01 37.04
CA GLU B 448 24.72 -3.70 37.60
C GLU B 448 26.11 -3.66 38.22
N ILE B 449 26.57 -4.78 38.77
CA ILE B 449 27.95 -4.94 39.29
C ILE B 449 28.36 -3.80 40.23
N VAL B 460 23.13 1.93 26.92
CA VAL B 460 22.03 2.86 27.19
C VAL B 460 20.79 2.06 27.59
N MET B 461 20.85 0.75 27.40
CA MET B 461 19.74 -0.14 27.69
C MET B 461 20.06 -1.01 28.91
N THR B 462 19.03 -1.72 29.38
CA THR B 462 19.16 -2.54 30.58
C THR B 462 20.05 -3.75 30.33
N GLY B 463 20.67 -4.23 31.40
CA GLY B 463 21.44 -5.46 31.36
C GLY B 463 20.67 -6.70 31.72
N ALA B 464 19.34 -6.62 31.77
CA ALA B 464 18.52 -7.72 32.22
C ALA B 464 18.33 -8.77 31.13
N MET B 465 18.06 -10.00 31.56
CA MET B 465 17.85 -11.14 30.68
C MET B 465 16.43 -11.65 30.84
N LYS B 466 15.70 -11.75 29.74
CA LYS B 466 14.33 -12.24 29.75
C LYS B 466 14.22 -13.40 28.75
N THR B 467 13.02 -13.98 28.67
CA THR B 467 12.77 -15.02 27.68
C THR B 467 12.53 -14.41 26.31
N LEU B 468 13.07 -15.08 25.29
CA LEU B 468 12.84 -14.71 23.91
C LEU B 468 11.81 -15.62 23.25
N CYS B 469 11.97 -16.94 23.37
CA CYS B 469 10.97 -17.89 22.92
C CYS B 469 11.22 -19.25 23.56
N ILE B 470 10.27 -20.15 23.33
CA ILE B 470 10.43 -21.57 23.67
C ILE B 470 10.53 -22.31 22.35
N PRO B 471 11.74 -22.58 21.85
CA PRO B 471 11.90 -22.98 20.44
C PRO B 471 11.12 -24.24 20.09
N PHE B 472 10.57 -24.25 18.88
CA PHE B 472 9.87 -25.43 18.39
C PHE B 472 10.83 -26.62 18.30
N ASP B 473 12.01 -26.41 17.71
CA ASP B 473 13.04 -27.43 17.64
C ASP B 473 13.55 -27.68 19.06
N GLN B 474 12.80 -28.49 19.80
CA GLN B 474 13.11 -28.74 21.20
C GLN B 474 14.21 -29.79 21.31
N PRO B 475 15.30 -29.50 22.02
CA PRO B 475 16.30 -30.52 22.31
C PRO B 475 15.72 -31.59 23.22
N PRO B 476 16.36 -32.75 23.30
CA PRO B 476 15.80 -33.82 24.15
C PRO B 476 15.84 -33.41 25.62
N MET B 477 14.74 -33.65 26.31
CA MET B 477 14.68 -33.45 27.75
C MET B 477 15.00 -34.78 28.42
N PRO B 478 16.13 -34.90 29.12
CA PRO B 478 16.52 -36.19 29.69
C PRO B 478 15.53 -36.68 30.74
N GLU B 479 15.65 -37.96 31.06
CA GLU B 479 14.76 -38.70 31.97
C GLU B 479 14.29 -37.84 33.12
N GLY B 480 15.16 -37.60 34.10
CA GLY B 480 14.93 -36.59 35.11
C GLY B 480 15.66 -35.32 34.69
N THR B 481 15.13 -34.18 35.10
CA THR B 481 15.72 -32.90 34.71
C THR B 481 15.32 -31.85 35.72
N LYS B 482 16.04 -30.73 35.70
CA LYS B 482 15.88 -29.69 36.71
C LYS B 482 15.85 -28.32 36.07
N CYS B 483 15.02 -27.43 36.61
CA CYS B 483 14.99 -26.05 36.15
C CYS B 483 16.30 -25.36 36.53
N PHE B 484 16.78 -24.47 35.65
CA PHE B 484 18.08 -23.86 35.84
C PHE B 484 18.07 -22.70 36.82
N TYR B 485 16.91 -22.30 37.33
CA TYR B 485 16.83 -21.23 38.32
C TYR B 485 16.14 -21.66 39.60
N THR B 486 14.94 -22.23 39.50
CA THR B 486 14.15 -22.60 40.67
C THR B 486 14.42 -24.01 41.17
N GLY B 487 15.10 -24.84 40.37
CA GLY B 487 15.34 -26.22 40.75
C GLY B 487 14.13 -27.13 40.65
N LYS B 488 12.97 -26.60 40.28
CA LYS B 488 11.79 -27.42 40.12
C LYS B 488 11.92 -28.26 38.85
N PRO B 489 11.09 -29.30 38.69
CA PRO B 489 11.11 -30.07 37.45
C PRO B 489 10.93 -29.18 36.23
N ALA B 490 11.84 -29.31 35.28
CA ALA B 490 11.85 -28.43 34.11
C ALA B 490 10.92 -28.95 33.03
N LYS B 491 10.15 -28.03 32.43
CA LYS B 491 9.23 -28.41 31.37
C LYS B 491 9.93 -28.43 30.01
N ARG B 492 10.46 -27.29 29.57
CA ARG B 492 10.98 -27.21 28.20
C ARG B 492 12.27 -26.40 28.17
N TRP B 493 12.99 -26.51 27.07
CA TRP B 493 14.14 -25.64 26.84
C TRP B 493 13.66 -24.27 26.40
N THR B 494 14.24 -23.23 26.98
CA THR B 494 13.84 -21.85 26.74
C THR B 494 15.06 -21.05 26.29
N LEU B 495 14.84 -20.12 25.37
CA LEU B 495 15.86 -19.18 24.92
C LEU B 495 15.80 -17.93 25.80
N TRP B 496 16.94 -17.56 26.37
CA TRP B 496 17.04 -16.37 27.19
C TRP B 496 18.15 -15.48 26.66
N GLY B 497 18.03 -14.18 26.95
CA GLY B 497 19.05 -13.22 26.57
C GLY B 497 18.61 -11.79 26.79
N ARG B 498 19.57 -10.88 26.83
CA ARG B 498 19.24 -9.45 26.82
C ARG B 498 18.57 -9.11 25.49
N SER B 499 17.48 -8.36 25.55
CA SER B 499 16.58 -8.23 24.40
C SER B 499 16.35 -6.76 24.07
N TYR B 500 15.50 -6.57 23.06
CA TYR B 500 15.08 -5.25 22.62
C TYR B 500 13.76 -4.87 23.28
N1 1T0 C . -13.33 14.69 1.75
C2 1T0 C . -11.14 12.60 -2.12
N3 1T0 C . -19.85 18.45 0.65
C4 1T0 C . -11.35 14.82 -1.27
C5 1T0 C . -12.26 14.34 -0.37
C6 1T0 C . -12.83 15.28 0.66
N2 1T0 C . -18.73 18.96 0.08
N4 1T0 C . -9.79 14.38 -3.11
C7 1T0 C . -13.75 15.47 2.91
C8 1T0 C . -15.26 15.51 3.06
C 1T0 C . -12.57 10.78 -1.11
C1 1T0 C . -12.10 12.19 -1.19
C10 1T0 C . -17.25 14.78 4.11
C11 1T0 C . -18.04 15.56 3.31
C12 1T0 C . -17.41 16.36 2.35
C13 1T0 C . -16.02 16.32 2.23
C14 1T0 C . -18.21 17.28 1.51
C15 1T0 C . -17.74 18.25 0.60
C16 1T0 C . -21.14 19.05 0.36
C17 1T0 C . -19.58 17.45 1.49
C18 1T0 C . -8.36 14.36 -2.79
C19 1T0 C . -7.67 14.51 -4.15
C20 1T0 C . -8.80 14.41 -5.20
C21 1T0 C . -8.61 13.23 -6.06
C22 1T0 C . -10.05 14.13 -4.42
C23 1T0 C . -8.96 15.71 -6.04
C24 1T0 C . -8.79 16.95 -5.17
C25 1T0 C . -10.00 15.70 -7.09
C26 1T0 C . -8.54 15.76 -7.45
C3 1T0 C . -10.76 13.94 -2.16
C9 1T0 C . -15.89 14.73 4.01
F 1T0 C . -17.85 14.04 5.07
N 1T0 C . -12.64 13.06 -0.31
N5 1T0 C . -8.53 12.32 -6.72
O 1T0 C . -12.75 16.50 0.53
O1 1T0 C . -11.11 13.76 -4.86
N PRO D . -1.57 17.48 -3.36
CA PRO D . -2.71 17.58 -4.29
C PRO D . -4.05 17.74 -3.57
O PRO D . -4.21 17.29 -2.43
CB PRO D . -2.66 16.25 -5.06
CG PRO D . -1.27 15.74 -4.85
CD PRO D . -0.85 16.20 -3.50
OXT PRO D . -5.00 18.30 -4.11
N1 1T0 E . 7.87 1.43 18.53
C2 1T0 E . 7.94 -2.30 15.32
N3 1T0 E . 12.97 1.58 24.15
C4 1T0 E . 7.25 -2.01 17.59
C5 1T0 E . 7.88 -0.77 17.57
C6 1T0 E . 7.76 0.12 18.77
N2 1T0 E . 12.04 0.59 24.20
N4 1T0 E . 6.49 -3.99 16.40
C7 1T0 E . 7.55 2.42 19.54
C8 1T0 E . 8.77 3.03 20.17
C 1T0 E . 9.32 -0.50 14.22
C1 1T0 E . 8.57 -1.06 15.38
C10 1T0 E . 10.33 4.82 20.32
C11 1T0 E . 11.11 4.15 21.22
C12 1T0 E . 10.71 2.88 21.61
C13 1T0 E . 9.54 2.33 21.10
C14 1T0 E . 11.48 2.14 22.64
C15 1T0 E . 11.14 0.93 23.28
C16 1T0 E . 14.12 1.54 25.04
C17 1T0 E . 12.67 2.50 23.23
C18 1T0 E . 5.26 -4.11 17.19
C19 1T0 E . 4.53 -5.29 16.53
C20 1T0 E . 5.66 -6.12 15.90
C21 1T0 E . 5.20 -6.69 14.62
C22 1T0 E . 6.73 -5.07 15.60
C23 1T0 E . 6.15 -7.27 16.87
C24 1T0 E . 5.00 -7.72 17.79
C25 1T0 E . 7.08 -8.29 16.35
C26 1T0 E . 7.52 -7.29 17.40
C3 1T0 E . 7.26 -2.78 16.44
C9 1T0 E . 9.18 4.32 19.78
F 1T0 E . 10.70 6.08 19.96
N 1T0 E . 8.53 -0.31 16.50
N5 1T0 E . 4.83 -7.18 13.66
O 1T0 E . 7.46 -0.33 19.87
O1 1T0 E . 7.64 -5.17 14.80
N PRO F . -2.01 -7.43 16.64
CA PRO F . -0.78 -8.13 17.00
C PRO F . 0.34 -7.17 17.44
O PRO F . 1.22 -7.54 18.22
CB PRO F . -0.39 -8.85 15.72
CG PRO F . -0.98 -8.02 14.64
CD PRO F . -2.26 -7.46 15.19
OXT PRO F . 0.37 -6.00 17.05
#